data_9CGJ
#
_entry.id   9CGJ
#
_cell.length_a   1.00
_cell.length_b   1.00
_cell.length_c   1.00
_cell.angle_alpha   90.00
_cell.angle_beta   90.00
_cell.angle_gamma   90.00
#
_symmetry.space_group_name_H-M   'P 1'
#
loop_
_entity.id
_entity.type
_entity.pdbx_description
1 polymer 'Delta-type opioid receptor'
2 polymer 'ScFv16 protein'
3 polymer 'Guanine nucleotide-binding protein G(I)/G(S)/G(O) subunit gamma-2'
4 polymer 'Guanine nucleotide-binding protein G(i) subunit alpha-1'
5 polymer 'Guanine nucleotide-binding protein G(I)/G(S)/G(T) subunit beta-1'
6 non-polymer N-{6-[(4bS,8R,8aS,15bR)-1,8a-dihydroxy-5,6,8,8a,9,15b-hexahydro-7H-4,8-methano[1]benzofuro[3,2-c]pyrido[3,4-b]acridin-7-yl]hexyl}guanidine
#
loop_
_entity_poly.entity_id
_entity_poly.type
_entity_poly.pdbx_seq_one_letter_code
_entity_poly.pdbx_strand_id
1 'polypeptide(L)'
;GSPGARSASSLALAIAITALYSAVCAVGLLGNVLVMFGIVRYTKMKTATNIYIFNLALADALATSTLPFQSAKYLMETWP
FGELLCKAVLSIDYYNMFTSIFTLTMMSVDRYIAVCHPVKALDFRTPAKAKLINICIWVLASGVGVPIMVMAVTRPRDGA
VVCMLQFPSPSWYWDTVTKICVFLFAFVVPILIITVCYGLMLLRLRSVRLLSGSKEKDRSLRRITRMVLVVVGAFVVCWA
PIHIFVIVWTLVDIDRRDPLVVAALHLCIALGYANSSLNPVLYAFLDENFKRCFRQLCRKPCG
;
A
2 'polypeptide(L)'
;DVQLVESGGGLVQPGGSRKLSCSASGFAFSSFGMHWVRQAPEKGLEWVAYISSGSGTIYYADTVKGRFTISRDDPKNTLF
LQMTSLRSEDTAMYYCVRSIYYYGSSPFDFWGQGTTLTVSSGGGGSGGGGSGGGGSDIVMTQATSSVPVTPGESVSISCR
SSKSLLHSNGNTYLYWFLQRPGQSPQLLIYRMSNLASGVPDRFSGSGSGTAFTLTISRLEAEDVGVYYCMQHLEYPLTFG
AGTKLELKAAA
;
E
3 'polypeptide(L)' MASNNTASIAQARKLVEQLKMEANIDRIKVSKAAADLMAYCEAHAKEDPLLTPVPASENPFREKKFFCAIL D
4 'polypeptide(L)'
;MGCTLSAEDKAAVERSKMIDRNLREDGEKAAREVKLLLLGAGESGKNTIVKQMKIIHEAGYSEEECKQYKAVVYSNTIQS
IIAIIRAMGRLKIDFGDSARADDARQLFVLAGAAEEGFMTAELAGVIKRLWKDSGVQACFNRSREYQLNDSAAYYLNDLD
RIAQPNYIPTQQDVLRTRVKTTGIVETHFTFKDLHFKMFDVGAQRSERKKWIHCFEGVTAIIFCVALSDYDLVLAEDEEM
NRMHASMKLFDSICNNKWFTDTSIILFLNKKDLFEEKIKKSPLTICYPEYAGSNTYEEAAAYIQCQFEDLNKRKDTKEIY
THFTCSTDTKNVQFVFDAVTDVIIKNNLKDCGLF
;
B
5 'polypeptide(L)'
;GSELDQLRQEAEQLKNQIRDARKACADATLSQITNNIDPVGRIQMRTRRTLRGHLAKIYAMHWGTDSRLLVSASQDGKLI
IWDSYTTNKVHAIPLRSSWVMTCAYAPSGNYVACGGLDNICSIYNLKTREGNVRVSRELAGHTGYLSCCRFLDDNQIVTS
SGDTTCALWDIETGQQTTTFTGHTGDVMSLSLAPDTRLFVSGACDASAKLWDVREGMCRQTFTGHESDINAICFFPNGNA
FATGSDDATCRLFDLRADQELMTYSHDNIICGITSVSFSKSGRLLLAGYDDFNCNVWDALKADRAGVLAGHDNRVSCLGV
TDDGMAVATGSWDSFLKIWN
;
C
#
loop_
_chem_comp.id
_chem_comp.type
_chem_comp.name
_chem_comp.formula
A1AWC non-polymer N-{6-[(4bS,8R,8aS,15bR)-1,8a-dihydroxy-5,6,8,8a,9,15b-hexahydro-7H-4,8-methano[1]benzofuro[3,2-c]pyrido[3,4-b]acridin-7-yl]hexyl}guanidine 'C30 H35 N5 O3'
#
# COMPACT_ATOMS: atom_id res chain seq x y z
N SER A 9 21.68 0.37 -64.46
CA SER A 9 22.88 -0.24 -63.92
C SER A 9 23.17 0.24 -62.50
N SER A 10 22.10 0.41 -61.72
CA SER A 10 22.22 0.88 -60.34
C SER A 10 22.33 -0.29 -59.36
N LEU A 11 23.26 -1.20 -59.62
CA LEU A 11 23.45 -2.35 -58.73
C LEU A 11 23.97 -1.91 -57.37
N ALA A 12 24.93 -0.99 -57.37
CA ALA A 12 25.46 -0.48 -56.10
C ALA A 12 24.39 0.27 -55.32
N LEU A 13 23.57 1.06 -56.01
CA LEU A 13 22.48 1.75 -55.34
C LEU A 13 21.47 0.76 -54.78
N ALA A 14 21.15 -0.29 -55.53
CA ALA A 14 20.22 -1.29 -55.03
C ALA A 14 20.77 -1.99 -53.80
N ILE A 15 22.05 -2.34 -53.81
CA ILE A 15 22.67 -2.99 -52.66
C ILE A 15 22.69 -2.05 -51.46
N ALA A 16 22.99 -0.77 -51.69
CA ALA A 16 23.03 0.19 -50.59
C ALA A 16 21.65 0.39 -49.97
N ILE A 17 20.62 0.52 -50.79
CA ILE A 17 19.26 0.68 -50.29
C ILE A 17 18.81 -0.57 -49.54
N THR A 18 19.14 -1.76 -50.06
CA THR A 18 18.78 -2.99 -49.36
C THR A 18 19.50 -3.09 -48.02
N ALA A 19 20.78 -2.72 -47.98
CA ALA A 19 21.53 -2.77 -46.72
C ALA A 19 21.00 -1.78 -45.71
N LEU A 20 20.64 -0.56 -46.17
CA LEU A 20 20.07 0.43 -45.27
C LEU A 20 18.72 -0.03 -44.73
N TYR A 21 17.89 -0.62 -45.58
CA TYR A 21 16.60 -1.15 -45.13
C TYR A 21 16.79 -2.26 -44.10
N SER A 22 17.73 -3.18 -44.36
CA SER A 22 17.98 -4.27 -43.43
C SER A 22 18.49 -3.74 -42.10
N ALA A 23 19.38 -2.74 -42.14
CA ALA A 23 19.93 -2.18 -40.92
C ALA A 23 18.86 -1.48 -40.10
N VAL A 24 18.03 -0.65 -40.73
CA VAL A 24 17.01 0.07 -39.98
C VAL A 24 15.94 -0.90 -39.46
N CYS A 25 15.64 -1.96 -40.23
CA CYS A 25 14.65 -2.93 -39.77
C CYS A 25 15.16 -3.70 -38.57
N ALA A 26 16.41 -4.16 -38.61
CA ALA A 26 16.98 -4.90 -37.49
C ALA A 26 17.09 -4.00 -36.26
N VAL A 27 17.55 -2.77 -36.45
CA VAL A 27 17.73 -1.85 -35.33
C VAL A 27 16.38 -1.51 -34.71
N GLY A 28 15.35 -1.26 -35.54
CA GLY A 28 14.04 -0.97 -35.01
C GLY A 28 13.43 -2.14 -34.27
N LEU A 29 13.54 -3.35 -34.83
CA LEU A 29 13.00 -4.53 -34.14
C LEU A 29 13.70 -4.76 -32.82
N LEU A 30 15.03 -4.67 -32.79
CA LEU A 30 15.77 -4.87 -31.54
C LEU A 30 15.43 -3.79 -30.51
N GLY A 31 15.34 -2.53 -30.94
CA GLY A 31 15.02 -1.47 -30.01
C GLY A 31 13.62 -1.58 -29.44
N ASN A 32 12.65 -1.92 -30.28
CA ASN A 32 11.27 -2.09 -29.80
C ASN A 32 11.15 -3.29 -28.87
N VAL A 33 11.85 -4.39 -29.17
CA VAL A 33 11.84 -5.55 -28.28
C VAL A 33 12.46 -5.19 -26.93
N LEU A 34 13.57 -4.44 -26.96
CA LEU A 34 14.21 -4.01 -25.73
C LEU A 34 13.32 -3.07 -24.93
N VAL A 35 12.60 -2.18 -25.61
CA VAL A 35 11.70 -1.26 -24.92
C VAL A 35 10.55 -2.01 -24.26
N MET A 36 9.97 -2.98 -24.97
CA MET A 36 8.91 -3.81 -24.38
C MET A 36 9.41 -4.58 -23.18
N PHE A 37 10.60 -5.19 -23.30
CA PHE A 37 11.16 -5.96 -22.19
C PHE A 37 11.45 -5.07 -20.99
N GLY A 38 11.95 -3.86 -21.24
CA GLY A 38 12.20 -2.93 -20.15
C GLY A 38 10.93 -2.45 -19.47
N ILE A 39 9.91 -2.11 -20.26
CA ILE A 39 8.65 -1.66 -19.67
C ILE A 39 7.90 -2.79 -18.98
N VAL A 40 8.25 -4.04 -19.29
CA VAL A 40 7.64 -5.17 -18.58
C VAL A 40 8.39 -5.49 -17.29
N ARG A 41 9.72 -5.64 -17.36
CA ARG A 41 10.49 -6.21 -16.26
C ARG A 41 11.32 -5.19 -15.48
N TYR A 42 11.24 -3.90 -15.80
CA TYR A 42 12.01 -2.88 -15.10
C TYR A 42 11.11 -1.94 -14.30
N THR A 43 10.16 -1.29 -14.96
CA THR A 43 9.25 -0.37 -14.30
C THR A 43 7.84 -0.64 -14.80
N LYS A 44 6.90 -0.81 -13.87
CA LYS A 44 5.52 -1.09 -14.23
C LYS A 44 4.90 0.12 -14.91
N MET A 45 3.98 -0.15 -15.84
CA MET A 45 3.32 0.90 -16.61
C MET A 45 2.30 1.56 -15.69
N LYS A 46 2.77 2.55 -14.92
CA LYS A 46 1.95 3.24 -13.95
C LYS A 46 2.00 4.76 -14.11
N THR A 47 2.66 5.26 -15.16
CA THR A 47 2.76 6.68 -15.41
C THR A 47 2.31 6.97 -16.84
N ALA A 48 1.85 8.21 -17.04
CA ALA A 48 1.38 8.63 -18.36
C ALA A 48 2.52 8.60 -19.37
N THR A 49 3.72 9.00 -18.95
CA THR A 49 4.88 8.96 -19.84
C THR A 49 5.18 7.54 -20.28
N ASN A 50 5.14 6.58 -19.34
CA ASN A 50 5.36 5.18 -19.69
C ASN A 50 4.28 4.67 -20.63
N ILE A 51 3.03 5.10 -20.42
CA ILE A 51 1.93 4.71 -21.29
C ILE A 51 2.17 5.20 -22.71
N TYR A 52 2.58 6.46 -22.85
CA TYR A 52 2.79 7.05 -24.17
C TYR A 52 3.98 6.41 -24.88
N ILE A 53 5.06 6.16 -24.14
CA ILE A 53 6.23 5.51 -24.75
C ILE A 53 5.89 4.07 -25.14
N PHE A 54 5.07 3.39 -24.35
CA PHE A 54 4.62 2.03 -24.69
C PHE A 54 3.84 2.03 -25.99
N ASN A 55 2.86 2.92 -26.12
CA ASN A 55 2.06 2.92 -27.34
C ASN A 55 2.85 3.43 -28.55
N LEU A 56 3.79 4.36 -28.35
CA LEU A 56 4.67 4.76 -29.43
C LEU A 56 5.54 3.61 -29.89
N ALA A 57 6.06 2.81 -28.95
CA ALA A 57 6.85 1.64 -29.31
C ALA A 57 6.01 0.61 -30.04
N LEU A 58 4.76 0.41 -29.61
CA LEU A 58 3.89 -0.54 -30.30
C LEU A 58 3.59 -0.07 -31.73
N ALA A 59 3.34 1.22 -31.91
CA ALA A 59 3.12 1.76 -33.24
C ALA A 59 4.36 1.59 -34.11
N ASP A 60 5.55 1.83 -33.53
CA ASP A 60 6.79 1.65 -34.29
C ASP A 60 7.02 0.19 -34.65
N ALA A 61 6.66 -0.73 -33.74
CA ALA A 61 6.81 -2.15 -34.02
C ALA A 61 5.88 -2.59 -35.14
N LEU A 62 4.64 -2.12 -35.14
CA LEU A 62 3.74 -2.43 -36.23
C LEU A 62 4.19 -1.78 -37.53
N ALA A 63 4.80 -0.60 -37.46
CA ALA A 63 5.27 0.07 -38.66
C ALA A 63 6.47 -0.64 -39.27
N THR A 64 7.36 -1.16 -38.41
CA THR A 64 8.58 -1.83 -38.89
C THR A 64 8.25 -3.29 -39.22
N SER A 65 7.34 -3.44 -40.19
CA SER A 65 6.97 -4.75 -40.71
C SER A 65 6.87 -4.78 -42.22
N THR A 66 6.86 -3.63 -42.90
CA THR A 66 6.79 -3.58 -44.34
C THR A 66 8.15 -3.34 -44.99
N LEU A 67 9.24 -3.40 -44.22
CA LEU A 67 10.58 -3.21 -44.78
C LEU A 67 10.93 -4.22 -45.88
N PRO A 68 10.73 -5.54 -45.72
CA PRO A 68 10.95 -6.43 -46.88
C PRO A 68 10.02 -6.16 -48.04
N PHE A 69 8.79 -5.69 -47.77
CA PHE A 69 7.85 -5.43 -48.86
C PHE A 69 8.31 -4.27 -49.74
N GLN A 70 8.67 -3.14 -49.12
CA GLN A 70 9.27 -2.08 -49.93
C GLN A 70 10.63 -2.46 -50.49
N SER A 71 11.40 -3.32 -49.83
CA SER A 71 12.67 -3.78 -50.40
C SER A 71 12.43 -4.56 -51.69
N ALA A 72 11.46 -5.47 -51.67
CA ALA A 72 11.15 -6.25 -52.86
C ALA A 72 10.55 -5.36 -53.95
N LYS A 73 9.74 -4.37 -53.56
CA LYS A 73 9.19 -3.45 -54.54
C LYS A 73 10.30 -2.67 -55.23
N TYR A 74 11.27 -2.18 -54.47
CA TYR A 74 12.40 -1.48 -55.07
C TYR A 74 13.26 -2.41 -55.93
N LEU A 75 13.44 -3.66 -55.52
CA LEU A 75 14.31 -4.56 -56.26
C LEU A 75 13.69 -4.99 -57.57
N MET A 76 12.41 -5.35 -57.57
CA MET A 76 11.80 -6.03 -58.69
C MET A 76 10.79 -5.19 -59.46
N GLU A 77 10.39 -4.02 -58.93
CA GLU A 77 9.34 -3.14 -59.43
C GLU A 77 8.12 -3.88 -59.95
N THR A 78 7.74 -4.97 -59.26
CA THR A 78 6.60 -5.78 -59.62
C THR A 78 5.99 -6.34 -58.34
N TRP A 79 4.71 -6.07 -58.11
CA TRP A 79 4.05 -6.46 -56.87
C TRP A 79 3.43 -7.84 -57.05
N PRO A 80 3.94 -8.89 -56.39
CA PRO A 80 3.35 -10.23 -56.52
C PRO A 80 2.37 -10.61 -55.41
N PHE A 81 2.05 -9.68 -54.50
CA PHE A 81 1.29 -9.98 -53.31
C PHE A 81 -0.17 -9.51 -53.41
N GLY A 82 -0.61 -9.18 -54.62
CA GLY A 82 -2.02 -9.03 -54.92
C GLY A 82 -2.63 -7.78 -54.31
N GLU A 83 -3.91 -7.58 -54.67
CA GLU A 83 -4.68 -6.51 -54.06
C GLU A 83 -4.84 -6.72 -52.56
N LEU A 84 -4.85 -7.98 -52.13
CA LEU A 84 -4.97 -8.26 -50.69
C LEU A 84 -3.81 -7.68 -49.91
N LEU A 85 -2.57 -8.02 -50.28
CA LEU A 85 -1.47 -7.47 -49.51
C LEU A 85 -1.17 -6.03 -49.86
N CYS A 86 -1.58 -5.54 -51.04
CA CYS A 86 -1.52 -4.11 -51.31
C CYS A 86 -2.37 -3.34 -50.31
N LYS A 87 -3.63 -3.74 -50.15
CA LYS A 87 -4.51 -3.09 -49.20
C LYS A 87 -3.97 -3.21 -47.77
N ALA A 88 -3.49 -4.39 -47.40
CA ALA A 88 -2.97 -4.60 -46.05
C ALA A 88 -1.77 -3.69 -45.78
N VAL A 89 -0.82 -3.65 -46.71
CA VAL A 89 0.40 -2.87 -46.51
C VAL A 89 0.08 -1.38 -46.46
N LEU A 90 -0.75 -0.90 -47.39
CA LEU A 90 -1.05 0.53 -47.42
C LEU A 90 -1.85 0.96 -46.18
N SER A 91 -2.81 0.14 -45.75
CA SER A 91 -3.56 0.46 -44.55
C SER A 91 -2.65 0.46 -43.32
N ILE A 92 -1.73 -0.50 -43.24
CA ILE A 92 -0.82 -0.57 -42.10
C ILE A 92 0.08 0.66 -42.08
N ASP A 93 0.59 1.06 -43.25
CA ASP A 93 1.46 2.24 -43.33
C ASP A 93 0.72 3.49 -42.88
N TYR A 94 -0.48 3.74 -43.42
CA TYR A 94 -1.23 4.93 -43.02
C TYR A 94 -1.57 4.92 -41.54
N TYR A 95 -2.05 3.77 -41.05
CA TYR A 95 -2.48 3.65 -39.66
C TYR A 95 -1.32 3.90 -38.70
N ASN A 96 -0.18 3.26 -38.95
CA ASN A 96 0.95 3.42 -38.04
C ASN A 96 1.56 4.81 -38.14
N MET A 97 1.58 5.41 -39.33
CA MET A 97 2.07 6.78 -39.46
C MET A 97 1.24 7.74 -38.62
N PHE A 98 -0.08 7.70 -38.80
CA PHE A 98 -0.95 8.61 -38.03
C PHE A 98 -0.87 8.33 -36.54
N THR A 99 -0.83 7.04 -36.16
CA THR A 99 -0.77 6.70 -34.74
C THR A 99 0.50 7.22 -34.08
N SER A 100 1.66 7.00 -34.72
CA SER A 100 2.93 7.45 -34.14
C SER A 100 2.99 8.97 -34.07
N ILE A 101 2.56 9.66 -35.12
CA ILE A 101 2.62 11.12 -35.12
C ILE A 101 1.70 11.70 -34.03
N PHE A 102 0.50 11.16 -33.90
CA PHE A 102 -0.42 11.64 -32.87
C PHE A 102 0.07 11.29 -31.47
N THR A 103 0.75 10.15 -31.30
CA THR A 103 1.28 9.82 -29.98
C THR A 103 2.40 10.78 -29.59
N LEU A 104 3.27 11.16 -30.54
CA LEU A 104 4.28 12.18 -30.25
C LEU A 104 3.64 13.52 -29.88
N THR A 105 2.59 13.91 -30.64
CA THR A 105 1.88 15.14 -30.34
C THR A 105 1.28 15.11 -28.93
N MET A 106 0.70 13.97 -28.55
CA MET A 106 0.10 13.86 -27.22
C MET A 106 1.16 13.86 -26.13
N MET A 107 2.33 13.29 -26.38
CA MET A 107 3.42 13.37 -25.41
C MET A 107 3.84 14.82 -25.18
N SER A 108 3.94 15.60 -26.27
CA SER A 108 4.29 17.01 -26.13
C SER A 108 3.23 17.77 -25.34
N VAL A 109 1.95 17.52 -25.64
CA VAL A 109 0.86 18.20 -24.94
C VAL A 109 0.86 17.80 -23.46
N ASP A 110 1.11 16.53 -23.17
CA ASP A 110 1.16 16.05 -21.79
C ASP A 110 2.29 16.72 -21.02
N ARG A 111 3.46 16.86 -21.64
CA ARG A 111 4.57 17.55 -20.97
C ARG A 111 4.25 19.03 -20.74
N TYR A 112 3.60 19.67 -21.71
CA TYR A 112 3.19 21.06 -21.53
C TYR A 112 2.22 21.21 -20.37
N ILE A 113 1.27 20.29 -20.26
CA ILE A 113 0.32 20.32 -19.15
C ILE A 113 1.05 20.09 -17.82
N ALA A 114 2.01 19.15 -17.82
CA ALA A 114 2.71 18.80 -16.59
C ALA A 114 3.57 19.94 -16.09
N VAL A 115 4.10 20.76 -16.98
CA VAL A 115 4.96 21.86 -16.56
C VAL A 115 4.17 23.15 -16.34
N CYS A 116 3.43 23.61 -17.35
CA CYS A 116 2.80 24.92 -17.30
C CYS A 116 1.48 24.94 -16.54
N HIS A 117 0.87 23.79 -16.29
CA HIS A 117 -0.37 23.70 -15.52
C HIS A 117 -0.26 22.56 -14.52
N PRO A 118 0.53 22.74 -13.45
CA PRO A 118 0.75 21.60 -12.54
C PRO A 118 -0.43 21.29 -11.65
N VAL A 119 -1.18 22.31 -11.21
CA VAL A 119 -2.32 22.10 -10.32
C VAL A 119 -3.42 21.30 -11.03
N LYS A 120 -3.70 21.64 -12.28
CA LYS A 120 -4.63 20.84 -13.07
C LYS A 120 -3.98 19.57 -13.60
N ALA A 121 -2.65 19.53 -13.68
CA ALA A 121 -1.95 18.37 -14.21
C ALA A 121 -1.97 17.20 -13.24
N LEU A 122 -1.87 17.48 -11.94
CA LEU A 122 -1.93 16.39 -10.96
C LEU A 122 -3.30 15.71 -10.93
N ASP A 123 -4.32 16.32 -11.54
CA ASP A 123 -5.61 15.68 -11.72
C ASP A 123 -5.79 15.10 -13.12
N PHE A 124 -5.30 15.79 -14.15
CA PHE A 124 -5.52 15.35 -15.53
C PHE A 124 -4.63 14.18 -15.89
N ARG A 125 -3.38 14.16 -15.42
CA ARG A 125 -2.42 13.15 -15.84
C ARG A 125 -2.58 11.85 -15.06
N THR A 126 -3.79 11.33 -15.01
CA THR A 126 -4.02 10.02 -14.45
C THR A 126 -3.70 8.96 -15.50
N PRO A 127 -3.15 7.81 -15.10
CA PRO A 127 -2.96 6.71 -16.06
C PRO A 127 -4.25 6.28 -16.75
N ALA A 128 -5.39 6.33 -16.06
CA ALA A 128 -6.66 5.99 -16.71
C ALA A 128 -7.00 6.99 -17.81
N LYS A 129 -6.82 8.30 -17.53
CA LYS A 129 -7.06 9.31 -18.54
C LYS A 129 -6.10 9.15 -19.72
N ALA A 130 -4.83 8.84 -19.44
CA ALA A 130 -3.85 8.63 -20.50
C ALA A 130 -4.23 7.44 -21.37
N LYS A 131 -4.66 6.33 -20.76
CA LYS A 131 -5.12 5.19 -21.52
C LYS A 131 -6.32 5.55 -22.38
N LEU A 132 -7.25 6.34 -21.82
CA LEU A 132 -8.43 6.75 -22.58
C LEU A 132 -8.05 7.54 -23.83
N ILE A 133 -7.21 8.57 -23.67
CA ILE A 133 -6.93 9.43 -24.81
C ILE A 133 -6.04 8.70 -25.81
N ASN A 134 -5.18 7.80 -25.32
CA ASN A 134 -4.34 6.99 -26.20
C ASN A 134 -5.17 6.00 -27.02
N ILE A 135 -6.17 5.37 -26.40
CA ILE A 135 -7.08 4.48 -27.13
C ILE A 135 -7.89 5.28 -28.14
N CYS A 136 -8.29 6.50 -27.77
CA CYS A 136 -8.98 7.37 -28.73
C CYS A 136 -8.09 7.70 -29.92
N ILE A 137 -6.79 7.92 -29.67
CA ILE A 137 -5.84 8.17 -30.75
C ILE A 137 -5.72 6.93 -31.65
N TRP A 138 -5.67 5.75 -31.04
CA TRP A 138 -5.59 4.51 -31.82
C TRP A 138 -6.82 4.32 -32.70
N VAL A 139 -8.00 4.58 -32.16
CA VAL A 139 -9.23 4.31 -32.89
C VAL A 139 -9.59 5.42 -33.88
N LEU A 140 -9.09 6.64 -33.66
CA LEU A 140 -9.34 7.70 -34.63
C LEU A 140 -8.53 7.52 -35.90
N ALA A 141 -7.38 6.83 -35.81
CA ALA A 141 -6.63 6.50 -37.02
C ALA A 141 -7.23 5.30 -37.74
N SER A 142 -8.11 4.54 -37.09
CA SER A 142 -8.83 3.49 -37.78
C SER A 142 -9.78 4.06 -38.82
N GLY A 143 -10.33 5.25 -38.56
CA GLY A 143 -11.16 5.93 -39.55
C GLY A 143 -10.40 6.37 -40.77
N VAL A 144 -9.06 6.41 -40.70
CA VAL A 144 -8.24 6.66 -41.87
C VAL A 144 -7.74 5.36 -42.47
N GLY A 145 -7.48 4.36 -41.65
CA GLY A 145 -6.96 3.09 -42.15
C GLY A 145 -8.00 2.25 -42.86
N VAL A 146 -9.27 2.34 -42.44
CA VAL A 146 -10.36 1.57 -43.04
C VAL A 146 -10.59 1.94 -44.50
N PRO A 147 -10.71 3.23 -44.91
CA PRO A 147 -10.85 3.50 -46.35
C PRO A 147 -9.66 3.09 -47.19
N ILE A 148 -8.44 3.12 -46.65
CA ILE A 148 -7.28 2.70 -47.41
C ILE A 148 -7.36 1.22 -47.74
N MET A 149 -7.75 0.39 -46.76
CA MET A 149 -7.90 -1.04 -47.02
C MET A 149 -9.13 -1.31 -47.88
N VAL A 150 -10.18 -0.49 -47.75
CA VAL A 150 -11.40 -0.72 -48.50
C VAL A 150 -11.20 -0.42 -49.97
N MET A 151 -10.52 0.67 -50.29
CA MET A 151 -10.42 1.19 -51.66
C MET A 151 -8.94 1.32 -52.07
N ALA A 152 -8.40 0.21 -52.57
CA ALA A 152 -7.04 0.20 -53.12
C ALA A 152 -6.95 -1.00 -54.06
N VAL A 153 -7.03 -0.74 -55.36
CA VAL A 153 -7.11 -1.78 -56.37
C VAL A 153 -5.89 -1.70 -57.27
N THR A 154 -5.23 -2.85 -57.48
CA THR A 154 -4.12 -2.92 -58.41
C THR A 154 -4.60 -2.73 -59.84
N ARG A 155 -3.77 -2.08 -60.64
CA ARG A 155 -4.06 -1.85 -62.06
C ARG A 155 -2.75 -1.72 -62.81
N PRO A 156 -2.16 -2.85 -63.25
CA PRO A 156 -0.90 -2.83 -63.97
C PRO A 156 -1.06 -2.51 -65.46
N GLY A 159 1.98 -0.18 -69.05
CA GLY A 159 3.10 -1.09 -68.97
C GLY A 159 3.92 -0.94 -67.69
N ALA A 160 3.22 -0.91 -66.55
CA ALA A 160 3.88 -0.78 -65.26
C ALA A 160 2.99 -1.38 -64.18
N VAL A 161 3.56 -2.25 -63.36
CA VAL A 161 2.84 -2.85 -62.23
C VAL A 161 2.73 -1.80 -61.14
N VAL A 162 1.53 -1.28 -60.93
CA VAL A 162 1.29 -0.12 -60.09
C VAL A 162 0.23 -0.48 -59.05
N CYS A 163 0.47 -0.09 -57.80
CA CYS A 163 -0.41 -0.42 -56.67
C CYS A 163 -0.68 0.85 -55.87
N MET A 164 -1.82 1.50 -56.14
CA MET A 164 -2.20 2.73 -55.46
C MET A 164 -3.69 2.99 -55.66
N LEU A 165 -4.22 3.92 -54.86
CA LEU A 165 -5.66 4.02 -54.62
C LEU A 165 -6.44 4.48 -55.85
N GLN A 166 -7.59 3.86 -56.06
CA GLN A 166 -8.45 4.15 -57.21
C GLN A 166 -9.56 5.08 -56.73
N PHE A 167 -9.29 6.38 -56.76
CA PHE A 167 -10.29 7.37 -56.36
C PHE A 167 -11.36 7.50 -57.43
N PRO A 168 -12.62 7.70 -57.05
CA PRO A 168 -13.69 7.89 -58.03
C PRO A 168 -13.58 9.26 -58.71
N SER A 169 -14.30 9.40 -59.81
CA SER A 169 -14.25 10.63 -60.60
C SER A 169 -14.86 11.78 -59.81
N PRO A 170 -14.18 12.94 -59.71
CA PRO A 170 -12.89 13.28 -60.33
C PRO A 170 -11.71 12.73 -59.53
N SER A 171 -11.00 11.76 -60.13
CA SER A 171 -9.93 11.07 -59.43
C SER A 171 -8.78 11.99 -59.07
N TRP A 172 -8.41 12.89 -59.99
CA TRP A 172 -7.33 13.83 -59.71
C TRP A 172 -7.70 14.78 -58.58
N TYR A 173 -8.96 15.27 -58.58
CA TYR A 173 -9.42 16.15 -57.52
C TYR A 173 -9.41 15.44 -56.18
N TRP A 174 -9.90 14.20 -56.15
CA TRP A 174 -9.94 13.47 -54.88
C TRP A 174 -8.54 13.13 -54.38
N ASP A 175 -7.62 12.78 -55.29
CA ASP A 175 -6.25 12.50 -54.89
C ASP A 175 -5.57 13.75 -54.35
N THR A 176 -5.76 14.88 -55.01
CA THR A 176 -5.18 16.13 -54.52
C THR A 176 -5.74 16.51 -53.17
N VAL A 177 -7.05 16.34 -52.98
CA VAL A 177 -7.68 16.64 -51.69
C VAL A 177 -7.12 15.72 -50.60
N THR A 178 -6.98 14.44 -50.90
CA THR A 178 -6.45 13.49 -49.92
C THR A 178 -5.01 13.83 -49.53
N LYS A 179 -4.18 14.16 -50.51
CA LYS A 179 -2.78 14.44 -50.20
C LYS A 179 -2.62 15.77 -49.46
N ILE A 180 -3.39 16.78 -49.83
CA ILE A 180 -3.36 18.05 -49.09
C ILE A 180 -3.84 17.85 -47.66
N CYS A 181 -4.90 17.05 -47.47
CA CYS A 181 -5.40 16.78 -46.13
C CYS A 181 -4.38 16.02 -45.30
N VAL A 182 -3.70 15.04 -45.90
CA VAL A 182 -2.72 14.26 -45.13
C VAL A 182 -1.50 15.12 -44.79
N PHE A 183 -1.14 16.07 -45.66
CA PHE A 183 -0.04 16.97 -45.34
C PHE A 183 -0.42 17.97 -44.26
N LEU A 184 -1.65 18.46 -44.28
CA LEU A 184 -2.08 19.45 -43.29
C LEU A 184 -2.54 18.82 -41.98
N PHE A 185 -2.76 17.51 -41.93
CA PHE A 185 -3.18 16.86 -40.70
C PHE A 185 -2.21 15.76 -40.25
N ALA A 186 -1.05 15.64 -40.89
CA ALA A 186 -0.03 14.70 -40.45
C ALA A 186 1.32 15.33 -40.18
N PHE A 187 1.62 16.49 -40.77
CA PHE A 187 2.89 17.16 -40.57
C PHE A 187 2.74 18.55 -39.97
N VAL A 188 1.91 19.41 -40.57
CA VAL A 188 1.91 20.83 -40.21
C VAL A 188 1.31 21.05 -38.84
N VAL A 189 0.10 20.53 -38.61
CA VAL A 189 -0.55 20.67 -37.31
C VAL A 189 0.25 19.99 -36.19
N PRO A 190 0.73 18.75 -36.34
CA PRO A 190 1.58 18.19 -35.26
C PRO A 190 2.87 18.95 -35.02
N ILE A 191 3.53 19.46 -36.06
CA ILE A 191 4.77 20.19 -35.81
C ILE A 191 4.48 21.53 -35.13
N LEU A 192 3.36 22.18 -35.48
CA LEU A 192 2.99 23.40 -34.79
C LEU A 192 2.67 23.15 -33.33
N ILE A 193 1.92 22.08 -33.04
CA ILE A 193 1.55 21.78 -31.67
C ILE A 193 2.78 21.44 -30.84
N ILE A 194 3.68 20.62 -31.39
CA ILE A 194 4.88 20.23 -30.67
C ILE A 194 5.77 21.43 -30.39
N THR A 195 5.98 22.29 -31.40
CA THR A 195 6.82 23.46 -31.21
C THR A 195 6.22 24.42 -30.19
N VAL A 196 4.91 24.68 -30.28
CA VAL A 196 4.28 25.61 -29.34
C VAL A 196 4.34 25.07 -27.91
N CYS A 197 4.01 23.79 -27.73
CA CYS A 197 3.99 23.19 -26.40
C CYS A 197 5.38 23.18 -25.78
N TYR A 198 6.38 22.77 -26.57
CA TYR A 198 7.75 22.70 -26.03
C TYR A 198 8.34 24.08 -25.78
N GLY A 199 8.02 25.06 -26.63
CA GLY A 199 8.51 26.41 -26.38
C GLY A 199 7.90 27.04 -25.14
N LEU A 200 6.59 26.86 -24.94
CA LEU A 200 5.97 27.38 -23.73
C LEU A 200 6.49 26.67 -22.48
N MET A 201 6.70 25.35 -22.59
CA MET A 201 7.28 24.61 -21.48
C MET A 201 8.70 25.09 -21.15
N LEU A 202 9.50 25.38 -22.17
CA LEU A 202 10.86 25.86 -21.93
C LEU A 202 10.87 27.26 -21.34
N LEU A 203 9.95 28.12 -21.76
CA LEU A 203 9.81 29.44 -21.12
C LEU A 203 9.43 29.30 -19.66
N ARG A 204 8.48 28.39 -19.36
CA ARG A 204 8.10 28.16 -17.98
C ARG A 204 9.26 27.62 -17.16
N LEU A 205 10.07 26.72 -17.74
CA LEU A 205 11.22 26.20 -17.02
C LEU A 205 12.30 27.26 -16.82
N ARG A 206 12.44 28.20 -17.75
CA ARG A 206 13.32 29.34 -17.53
C ARG A 206 12.83 30.18 -16.36
N SER A 207 11.52 30.38 -16.24
CA SER A 207 10.98 31.11 -15.10
C SER A 207 11.07 30.30 -13.80
N VAL A 208 11.03 28.97 -13.88
CA VAL A 208 11.22 28.08 -12.74
C VAL A 208 12.64 28.25 -12.23
N ARG A 209 12.84 28.11 -10.92
CA ARG A 209 14.11 28.44 -10.29
C ARG A 209 15.15 27.34 -10.52
N LEU A 210 15.37 27.02 -11.80
CA LEU A 210 16.56 26.32 -12.24
C LEU A 210 17.59 27.27 -12.80
N LEU A 211 17.35 28.58 -12.72
CA LEU A 211 18.30 29.59 -13.12
C LEU A 211 19.35 29.78 -12.04
N SER A 212 20.34 30.65 -12.33
CA SER A 212 21.45 30.97 -11.45
C SER A 212 22.30 29.74 -11.13
N GLY A 213 23.36 29.93 -10.35
CA GLY A 213 24.26 28.85 -10.02
C GLY A 213 25.16 28.46 -11.18
N SER A 214 26.31 27.89 -10.83
CA SER A 214 27.27 27.43 -11.82
C SER A 214 27.00 26.02 -12.30
N LYS A 215 25.99 25.35 -11.75
CA LYS A 215 25.68 23.98 -12.11
C LYS A 215 24.24 23.77 -12.55
N GLU A 216 23.28 24.46 -11.92
CA GLU A 216 21.87 24.20 -12.17
C GLU A 216 21.49 24.50 -13.61
N LYS A 217 21.83 25.70 -14.10
CA LYS A 217 21.47 26.14 -15.44
C LYS A 217 22.03 25.21 -16.51
N ASP A 218 23.36 25.15 -16.61
CA ASP A 218 24.03 24.37 -17.64
C ASP A 218 23.95 22.88 -17.41
N ARG A 219 23.43 22.42 -16.26
CA ARG A 219 23.25 21.00 -16.02
C ARG A 219 21.83 20.51 -16.22
N SER A 220 20.83 21.39 -16.12
CA SER A 220 19.45 20.97 -16.30
C SER A 220 18.78 21.64 -17.50
N LEU A 221 18.79 22.97 -17.57
CA LEU A 221 17.99 23.66 -18.59
C LEU A 221 18.59 23.46 -19.97
N ARG A 222 19.92 23.52 -20.07
CA ARG A 222 20.58 23.28 -21.35
C ARG A 222 20.33 21.85 -21.83
N ARG A 223 20.36 20.88 -20.92
CA ARG A 223 20.11 19.49 -21.30
C ARG A 223 18.67 19.30 -21.76
N ILE A 224 17.71 19.92 -21.06
CA ILE A 224 16.31 19.81 -21.46
C ILE A 224 16.09 20.45 -22.82
N THR A 225 16.69 21.62 -23.05
CA THR A 225 16.59 22.28 -24.35
C THR A 225 17.22 21.42 -25.44
N ARG A 226 18.34 20.77 -25.14
CA ARG A 226 18.98 19.89 -26.11
C ARG A 226 18.09 18.71 -26.47
N MET A 227 17.46 18.09 -25.46
CA MET A 227 16.57 16.96 -25.75
C MET A 227 15.36 17.38 -26.56
N VAL A 228 14.76 18.52 -26.22
CA VAL A 228 13.60 19.01 -26.97
C VAL A 228 13.99 19.33 -28.41
N LEU A 229 15.13 20.00 -28.60
CA LEU A 229 15.59 20.34 -29.93
C LEU A 229 15.90 19.09 -30.74
N VAL A 230 16.49 18.07 -30.13
CA VAL A 230 16.83 16.87 -30.88
C VAL A 230 15.56 16.09 -31.25
N VAL A 231 14.54 16.11 -30.39
CA VAL A 231 13.28 15.42 -30.72
C VAL A 231 12.58 16.11 -31.90
N VAL A 232 12.45 17.44 -31.82
CA VAL A 232 11.79 18.19 -32.89
C VAL A 232 12.60 18.09 -34.18
N GLY A 233 13.92 18.19 -34.09
CA GLY A 233 14.75 18.09 -35.27
C GLY A 233 14.71 16.72 -35.91
N ALA A 234 14.68 15.66 -35.09
CA ALA A 234 14.55 14.31 -35.63
C ALA A 234 13.24 14.15 -36.36
N PHE A 235 12.14 14.61 -35.75
CA PHE A 235 10.84 14.57 -36.42
C PHE A 235 10.86 15.30 -37.75
N VAL A 236 11.42 16.51 -37.77
CA VAL A 236 11.41 17.32 -38.98
C VAL A 236 12.28 16.69 -40.06
N VAL A 237 13.55 16.44 -39.75
CA VAL A 237 14.46 15.93 -40.79
C VAL A 237 14.22 14.49 -41.16
N CYS A 238 13.33 13.78 -40.45
CA CYS A 238 13.01 12.42 -40.81
C CYS A 238 11.57 12.23 -41.29
N TRP A 239 10.76 13.29 -41.30
CA TRP A 239 9.45 13.20 -41.94
C TRP A 239 9.23 14.21 -43.04
N ALA A 240 9.83 15.40 -42.96
CA ALA A 240 9.62 16.42 -43.99
C ALA A 240 10.07 16.02 -45.39
N PRO A 241 11.24 15.39 -45.62
CA PRO A 241 11.65 15.14 -47.01
C PRO A 241 10.68 14.31 -47.82
N ILE A 242 10.05 13.29 -47.22
CA ILE A 242 9.16 12.44 -48.00
C ILE A 242 7.84 13.17 -48.28
N HIS A 243 7.38 13.99 -47.35
CA HIS A 243 6.18 14.79 -47.59
C HIS A 243 6.42 15.81 -48.70
N ILE A 244 7.56 16.51 -48.66
CA ILE A 244 7.84 17.49 -49.70
C ILE A 244 8.08 16.81 -51.04
N PHE A 245 8.64 15.60 -51.04
CA PHE A 245 8.85 14.90 -52.31
C PHE A 245 7.52 14.43 -52.88
N VAL A 246 6.58 14.03 -52.02
CA VAL A 246 5.22 13.70 -52.46
C VAL A 246 4.55 14.94 -53.07
N ILE A 247 4.69 16.08 -52.42
CA ILE A 247 4.07 17.31 -52.91
C ILE A 247 4.64 17.70 -54.27
N VAL A 248 5.97 17.64 -54.41
CA VAL A 248 6.55 18.05 -55.69
C VAL A 248 6.30 17.00 -56.76
N TRP A 249 6.13 15.73 -56.38
CA TRP A 249 5.76 14.71 -57.37
C TRP A 249 4.35 14.90 -57.88
N THR A 250 3.43 15.33 -57.02
CA THR A 250 2.08 15.61 -57.46
C THR A 250 2.01 16.89 -58.27
N LEU A 251 2.75 17.92 -57.86
CA LEU A 251 2.65 19.23 -58.51
C LEU A 251 3.49 19.33 -59.78
N VAL A 252 4.80 19.19 -59.65
CA VAL A 252 5.71 19.42 -60.77
C VAL A 252 5.99 18.10 -61.46
N ASP A 253 5.83 18.08 -62.78
CA ASP A 253 6.07 16.87 -63.55
C ASP A 253 7.54 16.49 -63.51
N ILE A 254 7.81 15.18 -63.42
CA ILE A 254 9.16 14.65 -63.38
C ILE A 254 9.13 13.23 -63.93
N ASP A 255 10.30 12.72 -64.30
CA ASP A 255 10.41 11.38 -64.87
C ASP A 255 10.18 10.35 -63.77
N ARG A 256 8.92 9.91 -63.67
CA ARG A 256 8.53 8.94 -62.66
C ARG A 256 9.14 7.56 -62.89
N ARG A 257 9.69 7.31 -64.07
CA ARG A 257 10.31 6.03 -64.39
C ARG A 257 11.82 6.03 -64.18
N ASP A 258 12.38 7.12 -63.64
CA ASP A 258 13.83 7.21 -63.50
C ASP A 258 14.30 6.42 -62.27
N PRO A 259 15.32 5.58 -62.43
CA PRO A 259 15.86 4.86 -61.26
C PRO A 259 16.41 5.78 -60.18
N LEU A 260 16.95 6.94 -60.54
CA LEU A 260 17.43 7.88 -59.53
C LEU A 260 16.27 8.47 -58.73
N VAL A 261 15.15 8.76 -59.41
CA VAL A 261 13.96 9.24 -58.71
C VAL A 261 13.41 8.16 -57.78
N VAL A 262 13.40 6.91 -58.25
CA VAL A 262 12.96 5.80 -57.40
C VAL A 262 13.88 5.65 -56.19
N ALA A 263 15.20 5.82 -56.41
CA ALA A 263 16.16 5.74 -55.31
C ALA A 263 15.96 6.87 -54.31
N ALA A 264 15.64 8.07 -54.78
CA ALA A 264 15.34 9.18 -53.88
C ALA A 264 14.07 8.90 -53.06
N LEU A 265 13.04 8.36 -53.71
CA LEU A 265 11.83 7.93 -52.99
C LEU A 265 12.16 6.92 -51.90
N HIS A 266 12.98 5.92 -52.22
CA HIS A 266 13.25 4.88 -51.25
C HIS A 266 14.22 5.36 -50.16
N LEU A 267 15.06 6.35 -50.48
CA LEU A 267 15.87 6.97 -49.43
C LEU A 267 15.01 7.76 -48.46
N CYS A 268 13.98 8.45 -48.98
CA CYS A 268 13.05 9.13 -48.09
C CYS A 268 12.28 8.14 -47.22
N ILE A 269 11.88 7.01 -47.81
CA ILE A 269 11.23 5.95 -47.04
C ILE A 269 12.18 5.42 -45.97
N ALA A 270 13.47 5.30 -46.30
CA ALA A 270 14.46 4.86 -45.33
C ALA A 270 14.62 5.87 -44.21
N LEU A 271 14.50 7.16 -44.52
CA LEU A 271 14.54 8.19 -43.49
C LEU A 271 13.35 8.06 -42.54
N GLY A 272 12.16 7.79 -43.07
CA GLY A 272 11.01 7.58 -42.21
C GLY A 272 11.17 6.36 -41.30
N TYR A 273 11.63 5.25 -41.86
CA TYR A 273 11.86 4.07 -41.05
C TYR A 273 13.02 4.26 -40.08
N ALA A 274 13.96 5.14 -40.43
CA ALA A 274 15.03 5.50 -39.50
C ALA A 274 14.48 6.31 -38.33
N ASN A 275 13.48 7.15 -38.57
CA ASN A 275 12.81 7.81 -37.45
C ASN A 275 12.12 6.80 -36.55
N SER A 276 11.46 5.81 -37.16
CA SER A 276 10.83 4.76 -36.37
C SER A 276 11.84 3.98 -35.54
N SER A 277 13.02 3.69 -36.11
CA SER A 277 14.05 2.97 -35.38
C SER A 277 14.85 3.86 -34.42
N LEU A 278 14.76 5.18 -34.58
CA LEU A 278 15.55 6.13 -33.81
C LEU A 278 14.81 6.65 -32.60
N ASN A 279 13.48 6.66 -32.61
CA ASN A 279 12.74 7.03 -31.41
C ASN A 279 13.09 6.17 -30.19
N PRO A 280 13.16 4.83 -30.27
CA PRO A 280 13.64 4.08 -29.09
C PRO A 280 15.09 4.37 -28.75
N VAL A 281 15.92 4.75 -29.73
CA VAL A 281 17.29 5.13 -29.42
C VAL A 281 17.31 6.39 -28.56
N LEU A 282 16.47 7.36 -28.90
CA LEU A 282 16.34 8.57 -28.08
C LEU A 282 15.82 8.24 -26.70
N TYR A 283 14.84 7.33 -26.61
CA TYR A 283 14.33 6.93 -25.30
C TYR A 283 15.41 6.26 -24.46
N ALA A 284 16.20 5.38 -25.07
CA ALA A 284 17.19 4.62 -24.31
C ALA A 284 18.35 5.49 -23.87
N PHE A 285 18.86 6.34 -24.76
CA PHE A 285 20.08 7.09 -24.50
C PHE A 285 19.82 8.54 -24.10
N LEU A 286 18.56 8.92 -23.89
CA LEU A 286 18.27 10.30 -23.53
C LEU A 286 17.28 10.48 -22.39
N ASP A 287 16.42 9.52 -22.10
CA ASP A 287 15.46 9.66 -21.01
C ASP A 287 16.16 9.41 -19.69
N GLU A 288 16.14 10.42 -18.81
CA GLU A 288 16.84 10.31 -17.53
C GLU A 288 16.22 9.29 -16.60
N ASN A 289 14.92 9.04 -16.71
CA ASN A 289 14.30 7.98 -15.92
C ASN A 289 14.87 6.62 -16.27
N PHE A 290 15.02 6.33 -17.57
CA PHE A 290 15.64 5.08 -17.98
C PHE A 290 17.13 5.08 -17.68
N LYS A 291 17.80 6.24 -17.75
CA LYS A 291 19.22 6.30 -17.44
C LYS A 291 19.48 5.98 -15.97
N ARG A 292 18.64 6.51 -15.07
CA ARG A 292 18.81 6.26 -13.64
C ARG A 292 18.31 4.86 -13.27
N CYS A 293 17.04 4.59 -13.52
CA CYS A 293 16.47 3.30 -13.18
C CYS A 293 16.85 2.23 -14.21
N VAL B 2 -30.52 -3.46 14.68
CA VAL B 2 -30.61 -4.04 13.36
C VAL B 2 -32.05 -4.40 13.04
N GLN B 3 -32.62 -3.70 12.07
CA GLN B 3 -34.00 -3.92 11.66
C GLN B 3 -34.06 -4.10 10.15
N LEU B 4 -34.87 -5.08 9.72
CA LEU B 4 -35.14 -5.34 8.30
C LEU B 4 -36.65 -5.43 8.16
N VAL B 5 -37.29 -4.29 7.90
CA VAL B 5 -38.74 -4.19 7.89
C VAL B 5 -39.25 -4.42 6.46
N GLU B 6 -40.15 -5.37 6.30
CA GLU B 6 -40.71 -5.69 4.99
C GLU B 6 -41.98 -4.89 4.72
N SER B 7 -42.21 -4.60 3.44
CA SER B 7 -43.39 -3.85 3.04
C SER B 7 -43.75 -4.25 1.62
N GLY B 8 -45.02 -4.01 1.28
CA GLY B 8 -45.57 -4.44 0.00
C GLY B 8 -46.56 -5.58 0.20
N GLY B 9 -46.51 -6.57 -0.68
CA GLY B 9 -47.36 -7.72 -0.52
C GLY B 9 -48.83 -7.42 -0.78
N GLY B 10 -49.68 -8.23 -0.19
CA GLY B 10 -51.11 -8.10 -0.35
C GLY B 10 -51.69 -9.12 -1.30
N LEU B 11 -52.91 -8.82 -1.76
CA LEU B 11 -53.65 -9.71 -2.64
C LEU B 11 -53.59 -9.18 -4.07
N VAL B 12 -53.25 -10.07 -5.01
CA VAL B 12 -53.16 -9.72 -6.42
C VAL B 12 -53.88 -10.78 -7.24
N GLN B 13 -54.02 -10.49 -8.54
CA GLN B 13 -54.54 -11.41 -9.53
C GLN B 13 -53.40 -12.02 -10.34
N PRO B 14 -53.54 -13.25 -10.81
CA PRO B 14 -52.46 -13.89 -11.58
C PRO B 14 -52.17 -13.12 -12.87
N GLY B 15 -50.89 -13.06 -13.22
CA GLY B 15 -50.43 -12.27 -14.34
C GLY B 15 -50.04 -10.85 -14.01
N GLY B 16 -50.25 -10.40 -12.78
CA GLY B 16 -49.93 -9.05 -12.38
C GLY B 16 -48.47 -8.90 -11.97
N SER B 17 -48.19 -7.73 -11.38
CA SER B 17 -46.84 -7.40 -10.93
C SER B 17 -46.91 -6.73 -9.58
N ARG B 18 -45.83 -6.85 -8.80
CA ARG B 18 -45.78 -6.32 -7.46
C ARG B 18 -44.33 -6.10 -7.05
N LYS B 19 -44.07 -4.99 -6.37
CA LYS B 19 -42.73 -4.67 -5.88
C LYS B 19 -42.71 -4.85 -4.37
N LEU B 20 -41.81 -5.70 -3.89
CA LEU B 20 -41.60 -5.91 -2.46
C LEU B 20 -40.43 -5.06 -2.00
N SER B 21 -40.59 -4.35 -0.88
CA SER B 21 -39.56 -3.46 -0.39
C SER B 21 -39.09 -3.92 0.99
N CYS B 22 -37.80 -3.69 1.26
CA CYS B 22 -37.20 -4.02 2.54
C CYS B 22 -36.39 -2.81 3.00
N SER B 23 -36.81 -2.22 4.12
CA SER B 23 -36.11 -1.08 4.71
C SER B 23 -35.12 -1.61 5.75
N ALA B 24 -33.86 -1.23 5.61
CA ALA B 24 -32.78 -1.69 6.48
C ALA B 24 -32.33 -0.56 7.39
N SER B 25 -32.13 -0.88 8.66
CA SER B 25 -31.67 0.10 9.64
C SER B 25 -30.77 -0.59 10.64
N GLY B 26 -29.93 0.22 11.29
CA GLY B 26 -29.11 -0.25 12.40
C GLY B 26 -27.83 -0.97 12.02
N PHE B 27 -27.52 -1.10 10.73
CA PHE B 27 -26.32 -1.79 10.30
C PHE B 27 -25.88 -1.24 8.95
N ALA B 28 -24.62 -1.53 8.61
CA ALA B 28 -24.04 -1.10 7.33
C ALA B 28 -24.65 -1.94 6.21
N PHE B 29 -25.60 -1.35 5.49
CA PHE B 29 -26.33 -2.08 4.46
C PHE B 29 -25.46 -2.33 3.23
N SER B 30 -24.62 -1.37 2.86
CA SER B 30 -23.87 -1.44 1.62
C SER B 30 -22.80 -2.53 1.61
N SER B 31 -22.42 -3.06 2.78
CA SER B 31 -21.39 -4.08 2.85
C SER B 31 -21.93 -5.50 2.82
N PHE B 32 -23.24 -5.68 3.02
CA PHE B 32 -23.83 -7.00 3.13
C PHE B 32 -24.36 -7.48 1.78
N GLY B 33 -24.51 -8.80 1.67
CA GLY B 33 -25.27 -9.40 0.59
C GLY B 33 -26.67 -9.71 1.08
N MET B 34 -27.64 -9.62 0.17
CA MET B 34 -29.05 -9.72 0.55
C MET B 34 -29.72 -10.84 -0.21
N HIS B 35 -30.45 -11.68 0.52
CA HIS B 35 -31.20 -12.80 -0.03
C HIS B 35 -32.69 -12.57 0.16
N TRP B 36 -33.48 -12.92 -0.84
CA TRP B 36 -34.92 -13.08 -0.71
C TRP B 36 -35.21 -14.57 -0.62
N VAL B 37 -35.88 -14.97 0.46
CA VAL B 37 -36.25 -16.36 0.71
C VAL B 37 -37.73 -16.42 1.03
N ARG B 38 -38.48 -17.24 0.30
CA ARG B 38 -39.92 -17.31 0.49
C ARG B 38 -40.31 -18.57 1.26
N GLN B 39 -41.53 -18.56 1.80
CA GLN B 39 -42.06 -19.69 2.55
C GLN B 39 -43.54 -19.85 2.21
N ALA B 40 -43.91 -21.02 1.70
CA ALA B 40 -45.29 -21.32 1.36
C ALA B 40 -46.14 -21.36 2.64
N PRO B 41 -47.46 -21.17 2.52
CA PRO B 41 -48.30 -21.09 3.73
C PRO B 41 -48.24 -22.31 4.65
N GLU B 42 -48.02 -23.51 4.11
CA GLU B 42 -47.91 -24.69 4.94
C GLU B 42 -46.65 -25.50 4.67
N LYS B 43 -45.72 -24.98 3.88
CA LYS B 43 -44.51 -25.71 3.51
C LYS B 43 -43.29 -25.02 4.12
N GLY B 44 -42.11 -25.53 3.77
CA GLY B 44 -40.86 -25.00 4.27
C GLY B 44 -40.35 -23.82 3.48
N LEU B 45 -39.07 -23.52 3.65
CA LEU B 45 -38.43 -22.39 3.02
C LEU B 45 -37.75 -22.81 1.72
N GLU B 46 -37.81 -21.94 0.71
CA GLU B 46 -37.03 -22.10 -0.50
C GLU B 46 -36.40 -20.77 -0.86
N TRP B 47 -35.17 -20.82 -1.37
CA TRP B 47 -34.42 -19.61 -1.68
C TRP B 47 -34.86 -19.06 -3.03
N VAL B 48 -35.06 -17.75 -3.09
CA VAL B 48 -35.58 -17.08 -4.28
C VAL B 48 -34.50 -16.31 -5.02
N ALA B 49 -33.87 -15.34 -4.35
CA ALA B 49 -32.97 -14.45 -5.06
C ALA B 49 -31.81 -14.02 -4.17
N TYR B 50 -30.73 -13.59 -4.80
CA TYR B 50 -29.56 -13.10 -4.08
C TYR B 50 -28.89 -11.99 -4.86
N ILE B 51 -28.64 -10.87 -4.18
CA ILE B 51 -27.83 -9.77 -4.71
C ILE B 51 -26.62 -9.60 -3.79
N SER B 52 -25.48 -9.28 -4.39
CA SER B 52 -24.23 -9.17 -3.64
C SER B 52 -23.95 -7.71 -3.30
N SER B 53 -22.88 -7.50 -2.55
CA SER B 53 -22.44 -6.14 -2.24
C SER B 53 -21.93 -5.46 -3.51
N GLY B 54 -22.42 -4.26 -3.77
CA GLY B 54 -22.11 -3.57 -5.01
C GLY B 54 -22.97 -3.97 -6.19
N SER B 55 -23.94 -4.86 -5.98
CA SER B 55 -24.86 -5.32 -7.02
C SER B 55 -24.12 -5.93 -8.21
N GLY B 56 -23.05 -6.68 -7.92
CA GLY B 56 -22.25 -7.28 -8.97
C GLY B 56 -22.67 -8.69 -9.33
N THR B 57 -23.03 -9.48 -8.32
CA THR B 57 -23.42 -10.88 -8.51
C THR B 57 -24.89 -11.04 -8.13
N ILE B 58 -25.70 -11.55 -9.05
CA ILE B 58 -27.11 -11.75 -8.84
C ILE B 58 -27.46 -13.19 -9.23
N TYR B 59 -28.09 -13.92 -8.32
CA TYR B 59 -28.53 -15.28 -8.58
C TYR B 59 -30.02 -15.42 -8.34
N TYR B 60 -30.64 -16.29 -9.13
CA TYR B 60 -32.07 -16.60 -9.01
C TYR B 60 -32.26 -18.11 -8.93
N ALA B 61 -33.41 -18.51 -8.42
CA ALA B 61 -33.77 -19.92 -8.43
C ALA B 61 -34.32 -20.30 -9.79
N ASP B 62 -34.39 -21.61 -10.04
CA ASP B 62 -34.83 -22.11 -11.34
C ASP B 62 -36.32 -21.85 -11.58
N THR B 63 -37.14 -21.93 -10.52
CA THR B 63 -38.57 -21.74 -10.66
C THR B 63 -38.96 -20.27 -10.81
N VAL B 64 -38.03 -19.34 -10.65
CA VAL B 64 -38.32 -17.92 -10.69
C VAL B 64 -37.48 -17.17 -11.71
N LYS B 65 -36.64 -17.88 -12.48
CA LYS B 65 -35.70 -17.21 -13.37
C LYS B 65 -36.43 -16.59 -14.56
N GLY B 66 -36.11 -15.32 -14.83
CA GLY B 66 -36.72 -14.61 -15.95
C GLY B 66 -38.02 -13.92 -15.62
N ARG B 67 -38.57 -14.14 -14.44
CA ARG B 67 -39.82 -13.50 -14.02
C ARG B 67 -39.64 -12.50 -12.90
N PHE B 68 -38.65 -12.69 -12.03
CA PHE B 68 -38.43 -11.82 -10.89
C PHE B 68 -37.08 -11.13 -11.04
N THR B 69 -37.00 -9.86 -10.61
CA THR B 69 -35.73 -9.15 -10.58
C THR B 69 -35.51 -8.59 -9.19
N ILE B 70 -34.24 -8.56 -8.78
CA ILE B 70 -33.85 -8.09 -7.46
C ILE B 70 -32.89 -6.93 -7.61
N SER B 71 -33.18 -5.82 -6.92
CA SER B 71 -32.37 -4.62 -7.00
C SER B 71 -32.12 -4.09 -5.60
N ARG B 72 -31.21 -3.13 -5.49
CA ARG B 72 -30.69 -2.70 -4.20
C ARG B 72 -30.30 -1.24 -4.27
N ASP B 73 -30.97 -0.39 -3.48
CA ASP B 73 -30.64 1.03 -3.38
C ASP B 73 -29.85 1.24 -2.09
N ASP B 74 -28.55 1.49 -2.23
CA ASP B 74 -27.65 1.63 -1.09
C ASP B 74 -27.76 2.98 -0.38
N PRO B 75 -27.84 4.13 -1.08
CA PRO B 75 -28.08 5.38 -0.33
C PRO B 75 -29.40 5.39 0.42
N LYS B 76 -30.43 4.74 -0.09
CA LYS B 76 -31.71 4.66 0.60
C LYS B 76 -31.78 3.50 1.58
N ASN B 77 -30.75 2.64 1.60
CA ASN B 77 -30.68 1.48 2.49
C ASN B 77 -31.89 0.58 2.34
N THR B 78 -32.24 0.28 1.10
CA THR B 78 -33.50 -0.41 0.81
C THR B 78 -33.27 -1.46 -0.26
N LEU B 79 -34.01 -2.56 -0.18
CA LEU B 79 -33.89 -3.68 -1.10
C LEU B 79 -35.21 -3.90 -1.81
N PHE B 80 -35.19 -3.99 -3.13
CA PHE B 80 -36.39 -4.16 -3.94
C PHE B 80 -36.42 -5.54 -4.59
N LEU B 81 -37.62 -6.10 -4.70
CA LEU B 81 -37.88 -7.29 -5.50
C LEU B 81 -39.06 -7.00 -6.43
N GLN B 82 -38.77 -6.74 -7.70
CA GLN B 82 -39.81 -6.61 -8.72
C GLN B 82 -40.29 -7.99 -9.12
N MET B 83 -41.61 -8.16 -9.19
CA MET B 83 -42.23 -9.46 -9.32
C MET B 83 -43.22 -9.40 -10.48
N THR B 84 -42.95 -10.17 -11.54
CA THR B 84 -43.77 -10.15 -12.74
C THR B 84 -44.20 -11.58 -13.08
N SER B 85 -45.32 -11.67 -13.79
CA SER B 85 -45.94 -12.94 -14.19
C SER B 85 -46.23 -13.82 -12.96
N LEU B 86 -46.99 -13.25 -12.03
CA LEU B 86 -47.31 -13.96 -10.79
C LEU B 86 -48.32 -15.07 -11.06
N ARG B 87 -48.14 -16.19 -10.37
CA ARG B 87 -49.03 -17.33 -10.51
C ARG B 87 -49.31 -17.90 -9.12
N SER B 88 -50.02 -19.03 -9.09
CA SER B 88 -50.51 -19.60 -7.84
C SER B 88 -49.40 -20.18 -6.97
N GLU B 89 -48.23 -20.43 -7.52
CA GLU B 89 -47.13 -20.98 -6.74
C GLU B 89 -46.33 -19.90 -6.02
N ASP B 90 -46.68 -18.62 -6.20
CA ASP B 90 -45.97 -17.52 -5.57
C ASP B 90 -46.65 -17.00 -4.31
N THR B 91 -47.76 -17.60 -3.89
CA THR B 91 -48.43 -17.21 -2.65
C THR B 91 -47.57 -17.66 -1.47
N ALA B 92 -46.94 -16.70 -0.80
CA ALA B 92 -45.95 -17.04 0.21
C ALA B 92 -45.68 -15.84 1.10
N MET B 93 -45.00 -16.11 2.22
CA MET B 93 -44.43 -15.08 3.07
C MET B 93 -42.96 -14.91 2.70
N TYR B 94 -42.56 -13.67 2.42
CA TYR B 94 -41.22 -13.38 1.91
C TYR B 94 -40.35 -12.81 3.02
N TYR B 95 -39.10 -13.26 3.05
CA TYR B 95 -38.13 -12.91 4.08
C TYR B 95 -36.89 -12.31 3.41
N CYS B 96 -36.36 -11.27 4.03
CA CYS B 96 -35.09 -10.69 3.65
C CYS B 96 -34.02 -11.16 4.62
N VAL B 97 -32.91 -11.67 4.10
CA VAL B 97 -31.82 -12.17 4.91
C VAL B 97 -30.55 -11.42 4.55
N ARG B 98 -29.81 -10.97 5.55
CA ARG B 98 -28.50 -10.38 5.34
C ARG B 98 -27.43 -11.42 5.58
N SER B 99 -26.38 -11.36 4.76
CA SER B 99 -25.29 -12.32 4.84
C SER B 99 -24.00 -11.64 4.43
N ILE B 100 -22.99 -11.68 5.30
CA ILE B 100 -21.69 -11.11 5.05
C ILE B 100 -20.70 -12.24 4.80
N TYR B 101 -19.82 -12.05 3.82
CA TYR B 101 -18.94 -13.12 3.35
C TYR B 101 -17.48 -12.66 3.44
N TYR B 102 -16.77 -13.17 4.45
CA TYR B 102 -15.33 -13.08 4.53
C TYR B 102 -14.84 -14.27 5.35
N TYR B 103 -13.57 -14.24 5.75
CA TYR B 103 -13.01 -15.36 6.50
C TYR B 103 -13.54 -15.35 7.93
N GLY B 104 -14.08 -16.49 8.36
CA GLY B 104 -14.69 -16.58 9.67
C GLY B 104 -15.93 -15.75 9.83
N SER B 105 -16.81 -15.74 8.83
CA SER B 105 -17.95 -14.84 8.81
C SER B 105 -19.17 -15.46 9.48
N SER B 106 -20.28 -14.74 9.45
CA SER B 106 -21.54 -15.16 10.02
C SER B 106 -22.67 -14.95 9.00
N PRO B 107 -22.71 -15.76 7.95
CA PRO B 107 -23.74 -15.57 6.93
C PRO B 107 -25.11 -15.99 7.41
N PHE B 108 -26.14 -15.39 6.78
CA PHE B 108 -27.55 -15.67 7.07
C PHE B 108 -27.87 -15.42 8.54
N ASP B 109 -27.30 -14.36 9.10
CA ASP B 109 -27.36 -14.12 10.53
C ASP B 109 -28.67 -13.48 10.98
N PHE B 110 -29.18 -12.50 10.24
CA PHE B 110 -30.39 -11.80 10.61
C PHE B 110 -31.44 -11.97 9.51
N TRP B 111 -32.69 -12.16 9.93
CA TRP B 111 -33.82 -12.36 9.04
C TRP B 111 -34.88 -11.31 9.31
N GLY B 112 -35.49 -10.79 8.25
CA GLY B 112 -36.57 -9.85 8.41
C GLY B 112 -37.85 -10.53 8.83
N GLN B 113 -38.84 -9.69 9.18
CA GLN B 113 -40.13 -10.22 9.63
C GLN B 113 -40.87 -10.90 8.48
N GLY B 114 -40.78 -10.35 7.28
CA GLY B 114 -41.42 -10.95 6.13
C GLY B 114 -42.78 -10.33 5.83
N THR B 115 -43.17 -10.39 4.56
CA THR B 115 -44.44 -9.84 4.11
C THR B 115 -45.21 -10.89 3.33
N THR B 116 -46.52 -10.87 3.46
CA THR B 116 -47.38 -11.90 2.87
C THR B 116 -47.87 -11.45 1.50
N LEU B 117 -47.67 -12.29 0.49
CA LEU B 117 -48.21 -12.08 -0.84
C LEU B 117 -49.13 -13.25 -1.19
N THR B 118 -50.37 -12.94 -1.56
CA THR B 118 -51.32 -13.94 -2.00
C THR B 118 -51.90 -13.56 -3.35
N VAL B 119 -52.23 -14.57 -4.14
CA VAL B 119 -52.77 -14.38 -5.48
C VAL B 119 -54.12 -15.06 -5.56
N SER B 120 -54.90 -14.66 -6.57
CA SER B 120 -56.20 -15.27 -6.79
C SER B 120 -56.06 -16.60 -7.50
N SER B 121 -56.88 -17.57 -7.07
CA SER B 121 -56.85 -18.90 -7.66
C SER B 121 -57.76 -18.98 -8.89
N SER B 136 -28.66 -32.14 -11.83
CA SER B 136 -29.61 -31.35 -11.07
C SER B 136 -28.92 -30.57 -9.96
N ASP B 137 -29.63 -30.37 -8.86
CA ASP B 137 -29.13 -29.65 -7.70
C ASP B 137 -29.03 -30.60 -6.51
N ILE B 138 -28.62 -30.07 -5.36
CA ILE B 138 -28.41 -30.87 -4.17
C ILE B 138 -29.76 -31.09 -3.48
N VAL B 139 -30.15 -32.35 -3.32
CA VAL B 139 -31.39 -32.70 -2.64
C VAL B 139 -31.08 -32.89 -1.17
N MET B 140 -31.78 -32.13 -0.32
CA MET B 140 -31.51 -32.09 1.11
C MET B 140 -32.71 -32.65 1.85
N THR B 141 -32.49 -33.71 2.62
CA THR B 141 -33.58 -34.46 3.26
C THR B 141 -33.41 -34.47 4.77
N GLN B 142 -34.53 -34.33 5.47
CA GLN B 142 -34.59 -34.45 6.93
C GLN B 142 -35.58 -35.56 7.25
N ALA B 143 -35.05 -36.72 7.65
CA ALA B 143 -35.90 -37.89 7.87
C ALA B 143 -36.84 -37.69 9.05
N THR B 144 -36.36 -37.07 10.13
CA THR B 144 -37.20 -36.86 11.30
C THR B 144 -38.25 -35.79 11.03
N SER B 145 -39.46 -36.02 11.52
CA SER B 145 -40.55 -35.06 11.39
C SER B 145 -41.55 -35.30 12.51
N SER B 146 -41.94 -34.23 13.19
CA SER B 146 -42.89 -34.26 14.30
C SER B 146 -42.41 -35.21 15.41
N VAL B 147 -41.24 -34.87 15.96
CA VAL B 147 -40.62 -35.67 17.01
C VAL B 147 -41.07 -35.12 18.36
N PRO B 148 -41.65 -35.95 19.23
CA PRO B 148 -41.99 -35.47 20.58
C PRO B 148 -40.75 -35.40 21.46
N VAL B 149 -40.68 -34.35 22.28
CA VAL B 149 -39.52 -34.08 23.11
C VAL B 149 -39.98 -33.80 24.54
N THR B 150 -39.02 -33.90 25.46
CA THR B 150 -39.25 -33.62 26.87
C THR B 150 -38.24 -32.60 27.36
N PRO B 151 -38.65 -31.67 28.22
CA PRO B 151 -37.70 -30.70 28.78
C PRO B 151 -36.61 -31.38 29.60
N GLY B 152 -35.40 -30.83 29.51
CA GLY B 152 -34.28 -31.37 30.25
C GLY B 152 -33.62 -32.59 29.64
N GLU B 153 -34.00 -32.96 28.41
CA GLU B 153 -33.45 -34.14 27.75
C GLU B 153 -32.85 -33.74 26.41
N SER B 154 -31.76 -34.43 26.05
CA SER B 154 -31.11 -34.18 24.77
C SER B 154 -31.93 -34.75 23.62
N VAL B 155 -31.77 -34.14 22.45
CA VAL B 155 -32.40 -34.63 21.23
C VAL B 155 -31.48 -34.34 20.05
N SER B 156 -31.49 -35.24 19.07
CA SER B 156 -30.63 -35.12 17.89
C SER B 156 -31.50 -35.00 16.64
N ILE B 157 -31.15 -34.06 15.78
CA ILE B 157 -31.84 -33.81 14.52
C ILE B 157 -30.86 -34.09 13.39
N SER B 158 -31.28 -34.93 12.44
CA SER B 158 -30.41 -35.39 11.37
C SER B 158 -30.70 -34.63 10.07
N CYS B 159 -29.66 -34.51 9.24
CA CYS B 159 -29.78 -33.91 7.92
C CYS B 159 -28.88 -34.67 6.96
N ARG B 160 -29.42 -35.05 5.81
CA ARG B 160 -28.70 -35.80 4.79
C ARG B 160 -28.60 -34.97 3.51
N SER B 161 -27.54 -35.21 2.76
CA SER B 161 -27.27 -34.47 1.54
C SER B 161 -27.04 -35.43 0.38
N SER B 162 -27.42 -34.97 -0.82
CA SER B 162 -27.17 -35.77 -2.02
C SER B 162 -25.69 -35.74 -2.39
N LYS B 163 -25.05 -34.58 -2.28
CA LYS B 163 -23.63 -34.41 -2.52
C LYS B 163 -22.93 -34.01 -1.23
N SER B 164 -21.71 -34.48 -1.06
CA SER B 164 -20.93 -34.18 0.14
C SER B 164 -20.60 -32.70 0.18
N LEU B 165 -20.79 -32.08 1.35
CA LEU B 165 -20.59 -30.66 1.53
C LEU B 165 -19.18 -30.30 1.99
N LEU B 166 -18.31 -31.29 2.21
CA LEU B 166 -16.96 -31.04 2.67
C LEU B 166 -16.11 -30.61 1.48
N HIS B 167 -15.82 -29.31 1.40
CA HIS B 167 -14.98 -28.77 0.35
C HIS B 167 -13.51 -29.12 0.62
N SER B 168 -12.68 -28.90 -0.39
CA SER B 168 -11.25 -29.20 -0.29
C SER B 168 -10.50 -28.27 0.66
N ASN B 169 -11.10 -27.15 1.05
CA ASN B 169 -10.46 -26.22 1.97
C ASN B 169 -10.75 -26.54 3.44
N GLY B 170 -11.49 -27.61 3.71
CA GLY B 170 -11.78 -27.99 5.07
C GLY B 170 -13.06 -27.44 5.65
N ASN B 171 -13.96 -26.94 4.81
CA ASN B 171 -15.19 -26.31 5.26
C ASN B 171 -16.39 -27.18 4.86
N THR B 172 -17.23 -27.50 5.84
CA THR B 172 -18.49 -28.19 5.59
C THR B 172 -19.61 -27.15 5.61
N TYR B 173 -20.28 -27.00 4.49
CA TYR B 173 -21.17 -25.86 4.27
C TYR B 173 -22.61 -26.20 4.62
N LEU B 174 -22.83 -26.47 5.90
CA LEU B 174 -24.15 -26.77 6.45
C LEU B 174 -24.55 -25.71 7.47
N TYR B 175 -25.71 -25.10 7.26
CA TYR B 175 -26.22 -24.06 8.13
C TYR B 175 -27.48 -24.55 8.82
N TRP B 176 -27.56 -24.33 10.12
CA TRP B 176 -28.70 -24.77 10.93
C TRP B 176 -29.47 -23.55 11.41
N PHE B 177 -30.78 -23.54 11.12
CA PHE B 177 -31.70 -22.46 11.45
C PHE B 177 -32.85 -22.99 12.30
N LEU B 178 -33.42 -22.10 13.11
CA LEU B 178 -34.58 -22.40 13.94
C LEU B 178 -35.68 -21.39 13.68
N GLN B 179 -36.91 -21.89 13.47
CA GLN B 179 -38.08 -21.05 13.26
C GLN B 179 -39.07 -21.33 14.38
N ARG B 180 -39.26 -20.35 15.26
CA ARG B 180 -40.27 -20.43 16.31
C ARG B 180 -41.64 -20.14 15.72
N PRO B 181 -42.70 -20.62 16.36
CA PRO B 181 -44.05 -20.42 15.81
C PRO B 181 -44.42 -18.94 15.72
N GLY B 182 -44.87 -18.53 14.54
CA GLY B 182 -45.20 -17.14 14.29
C GLY B 182 -44.01 -16.20 14.36
N GLN B 183 -42.85 -16.63 13.90
CA GLN B 183 -41.63 -15.83 13.99
C GLN B 183 -40.72 -16.15 12.81
N SER B 184 -39.84 -15.20 12.52
CA SER B 184 -38.85 -15.38 11.47
C SER B 184 -37.80 -16.39 11.91
N PRO B 185 -37.20 -17.11 10.97
CA PRO B 185 -36.11 -18.03 11.32
C PRO B 185 -34.89 -17.30 11.83
N GLN B 186 -34.14 -17.96 12.71
CA GLN B 186 -32.92 -17.43 13.26
C GLN B 186 -31.79 -18.43 13.05
N LEU B 187 -30.58 -17.92 12.92
CA LEU B 187 -29.41 -18.74 12.62
C LEU B 187 -28.87 -19.35 13.91
N LEU B 188 -28.56 -20.65 13.85
CA LEU B 188 -27.94 -21.36 14.97
C LEU B 188 -26.52 -21.78 14.67
N ILE B 189 -26.27 -22.43 13.54
CA ILE B 189 -24.95 -22.98 13.23
C ILE B 189 -24.52 -22.51 11.84
N TYR B 190 -23.29 -21.98 11.73
CA TYR B 190 -22.81 -21.52 10.43
C TYR B 190 -22.31 -22.67 9.57
N ARG B 191 -21.22 -23.33 9.97
CA ARG B 191 -20.64 -24.42 9.17
C ARG B 191 -20.38 -25.61 10.09
N MET B 192 -21.45 -26.32 10.44
CA MET B 192 -21.46 -27.68 10.96
C MET B 192 -20.76 -27.81 12.32
N SER B 193 -20.10 -26.74 12.80
CA SER B 193 -19.47 -26.77 14.11
C SER B 193 -19.65 -25.49 14.92
N ASN B 194 -20.01 -24.40 14.27
CA ASN B 194 -19.81 -23.06 14.83
C ASN B 194 -21.11 -22.50 15.38
N LEU B 195 -21.09 -22.09 16.65
CA LEU B 195 -22.26 -21.51 17.28
C LEU B 195 -22.47 -20.07 16.82
N ALA B 196 -23.73 -19.64 16.85
CA ALA B 196 -24.07 -18.29 16.46
C ALA B 196 -24.02 -17.34 17.65
N SER B 197 -23.90 -16.05 17.36
CA SER B 197 -23.89 -15.05 18.40
C SER B 197 -25.26 -14.94 19.04
N GLY B 198 -25.29 -14.88 20.37
CA GLY B 198 -26.54 -14.85 21.10
C GLY B 198 -27.22 -16.19 21.27
N VAL B 199 -26.53 -17.28 20.97
CA VAL B 199 -27.08 -18.63 21.09
C VAL B 199 -26.40 -19.30 22.27
N PRO B 200 -27.15 -19.87 23.22
CA PRO B 200 -26.54 -20.53 24.38
C PRO B 200 -25.79 -21.79 23.97
N ASP B 201 -24.85 -22.19 24.82
CA ASP B 201 -24.00 -23.34 24.54
C ASP B 201 -24.72 -24.65 24.84
N ARG B 202 -25.91 -24.83 24.23
CA ARG B 202 -26.64 -26.08 24.31
C ARG B 202 -26.74 -26.79 22.98
N PHE B 203 -26.68 -26.05 21.86
CA PHE B 203 -26.70 -26.63 20.53
C PHE B 203 -25.30 -27.03 20.14
N SER B 204 -25.16 -28.22 19.57
CA SER B 204 -23.87 -28.70 19.08
C SER B 204 -24.05 -29.30 17.70
N GLY B 205 -23.21 -28.89 16.76
CA GLY B 205 -23.24 -29.41 15.41
C GLY B 205 -22.11 -30.41 15.20
N SER B 206 -22.42 -31.49 14.47
CA SER B 206 -21.42 -32.49 14.16
C SER B 206 -21.85 -33.21 12.89
N GLY B 207 -20.97 -34.09 12.42
CA GLY B 207 -21.25 -34.90 11.25
C GLY B 207 -20.10 -34.88 10.27
N SER B 208 -20.28 -35.65 9.20
CA SER B 208 -19.25 -35.75 8.17
C SER B 208 -19.90 -36.12 6.85
N GLY B 209 -19.23 -35.76 5.76
CA GLY B 209 -19.65 -36.11 4.42
C GLY B 209 -21.01 -35.58 4.06
N THR B 210 -22.00 -36.47 4.01
CA THR B 210 -23.37 -36.11 3.71
C THR B 210 -24.29 -36.17 4.92
N ALA B 211 -23.84 -36.75 6.04
CA ALA B 211 -24.70 -36.97 7.21
C ALA B 211 -24.27 -36.03 8.32
N PHE B 212 -25.22 -35.21 8.81
CA PHE B 212 -24.94 -34.26 9.86
C PHE B 212 -26.00 -34.34 10.95
N THR B 213 -25.59 -34.03 12.18
CA THR B 213 -26.48 -34.04 13.34
C THR B 213 -26.36 -32.72 14.10
N LEU B 214 -27.48 -32.28 14.65
CA LEU B 214 -27.54 -31.15 15.57
C LEU B 214 -28.15 -31.65 16.88
N THR B 215 -27.41 -31.52 17.97
CA THR B 215 -27.79 -32.06 19.26
C THR B 215 -28.11 -30.93 20.23
N ILE B 216 -29.28 -31.00 20.84
CA ILE B 216 -29.66 -30.12 21.94
C ILE B 216 -29.45 -30.91 23.23
N SER B 217 -28.48 -30.49 24.03
CA SER B 217 -28.13 -31.24 25.24
C SER B 217 -29.21 -31.11 26.30
N ARG B 218 -29.67 -29.88 26.54
CA ARG B 218 -30.75 -29.62 27.49
C ARG B 218 -31.82 -28.80 26.79
N LEU B 219 -33.05 -29.27 26.83
CA LEU B 219 -34.15 -28.64 26.12
C LEU B 219 -34.92 -27.73 27.06
N GLU B 220 -35.12 -26.49 26.64
CA GLU B 220 -35.91 -25.52 27.38
C GLU B 220 -37.29 -25.39 26.74
N ALA B 221 -38.09 -24.45 27.22
CA ALA B 221 -39.43 -24.22 26.69
C ALA B 221 -39.44 -23.30 25.47
N GLU B 222 -38.31 -22.66 25.16
CA GLU B 222 -38.21 -21.77 24.01
C GLU B 222 -37.59 -22.43 22.79
N ASP B 223 -37.29 -23.72 22.87
CA ASP B 223 -36.72 -24.45 21.74
C ASP B 223 -37.78 -25.13 20.89
N VAL B 224 -39.05 -24.98 21.22
CA VAL B 224 -40.13 -25.57 20.44
C VAL B 224 -40.26 -24.81 19.13
N GLY B 225 -40.11 -25.53 18.02
CA GLY B 225 -40.18 -24.90 16.72
C GLY B 225 -39.80 -25.88 15.62
N VAL B 226 -39.45 -25.32 14.47
CA VAL B 226 -39.10 -26.10 13.28
C VAL B 226 -37.64 -25.83 12.95
N TYR B 227 -36.85 -26.88 12.81
CA TYR B 227 -35.43 -26.76 12.53
C TYR B 227 -35.17 -27.04 11.06
N TYR B 228 -34.29 -26.24 10.46
CA TYR B 228 -33.97 -26.37 9.04
C TYR B 228 -32.47 -26.45 8.83
N CYS B 229 -32.07 -27.28 7.88
CA CYS B 229 -30.67 -27.39 7.45
C CYS B 229 -30.57 -26.93 6.01
N MET B 230 -29.61 -26.06 5.73
CA MET B 230 -29.40 -25.49 4.41
C MET B 230 -27.96 -25.74 3.98
N GLN B 231 -27.77 -25.89 2.67
CA GLN B 231 -26.45 -26.03 2.09
C GLN B 231 -26.04 -24.73 1.40
N HIS B 232 -24.78 -24.36 1.54
CA HIS B 232 -24.22 -23.18 0.89
C HIS B 232 -23.03 -23.54 0.02
N LEU B 233 -22.86 -24.83 -0.30
CA LEU B 233 -21.76 -25.26 -1.15
C LEU B 233 -21.89 -24.71 -2.56
N GLU B 234 -23.10 -24.74 -3.12
CA GLU B 234 -23.32 -24.24 -4.47
C GLU B 234 -24.78 -23.81 -4.61
N TYR B 235 -25.01 -22.86 -5.50
CA TYR B 235 -26.35 -22.41 -5.81
C TYR B 235 -27.09 -23.49 -6.60
N PRO B 236 -28.43 -23.55 -6.52
CA PRO B 236 -29.38 -22.59 -5.93
C PRO B 236 -29.74 -22.78 -4.44
N LEU B 237 -28.79 -23.14 -3.58
CA LEU B 237 -28.92 -23.03 -2.12
C LEU B 237 -30.19 -23.71 -1.59
N THR B 238 -30.25 -25.02 -1.76
CA THR B 238 -31.44 -25.76 -1.40
C THR B 238 -31.56 -25.88 0.12
N PHE B 239 -32.78 -25.71 0.61
CA PHE B 239 -33.11 -25.94 2.02
C PHE B 239 -33.53 -27.39 2.20
N GLY B 240 -34.06 -27.71 3.38
CA GLY B 240 -34.64 -29.00 3.64
C GLY B 240 -36.09 -28.88 4.09
N ALA B 241 -36.65 -30.03 4.48
CA ALA B 241 -37.99 -30.06 5.02
C ALA B 241 -37.96 -29.63 6.47
N GLY B 242 -39.08 -29.76 7.17
CA GLY B 242 -39.18 -29.35 8.56
C GLY B 242 -38.98 -30.51 9.51
N THR B 243 -38.24 -30.25 10.58
CA THR B 243 -38.11 -31.19 11.70
C THR B 243 -38.78 -30.54 12.90
N LYS B 244 -40.10 -30.74 13.00
CA LYS B 244 -40.89 -30.12 14.05
C LYS B 244 -40.74 -30.88 15.35
N LEU B 245 -40.67 -30.14 16.45
CA LEU B 245 -40.73 -30.72 17.79
C LEU B 245 -41.53 -29.78 18.68
N GLU B 246 -42.64 -30.26 19.21
CA GLU B 246 -43.55 -29.42 19.98
C GLU B 246 -44.17 -30.26 21.09
N LEU B 247 -43.81 -29.95 22.33
CA LEU B 247 -44.41 -30.59 23.50
C LEU B 247 -44.19 -29.73 24.74
N ILE C 9 17.25 14.99 43.04
CA ILE C 9 18.02 14.61 44.20
C ILE C 9 17.65 13.20 44.65
N ALA C 10 16.34 12.97 44.80
CA ALA C 10 15.85 11.64 45.19
C ALA C 10 16.00 10.60 44.10
N GLN C 11 16.27 11.01 42.86
CA GLN C 11 16.48 10.05 41.79
C GLN C 11 17.73 9.21 42.03
N ALA C 12 18.76 9.80 42.63
CA ALA C 12 19.96 9.05 42.97
C ALA C 12 19.66 7.99 44.02
N ARG C 13 18.88 8.34 45.04
CA ARG C 13 18.47 7.36 46.04
C ARG C 13 17.62 6.26 45.43
N LYS C 14 16.73 6.63 44.51
CA LYS C 14 15.89 5.64 43.86
C LYS C 14 16.70 4.66 43.03
N LEU C 15 17.69 5.16 42.27
CA LEU C 15 18.51 4.27 41.46
C LEU C 15 19.45 3.43 42.33
N VAL C 16 19.91 3.97 43.45
CA VAL C 16 20.72 3.17 44.39
C VAL C 16 19.88 2.04 44.97
N GLU C 17 18.64 2.33 45.36
CA GLU C 17 17.75 1.28 45.87
C GLU C 17 17.44 0.24 44.81
N GLN C 18 17.22 0.67 43.56
CA GLN C 18 16.95 -0.26 42.48
C GLN C 18 18.15 -1.16 42.21
N LEU C 19 19.36 -0.59 42.22
CA LEU C 19 20.56 -1.39 42.02
C LEU C 19 20.76 -2.39 43.15
N LYS C 20 20.48 -1.97 44.39
CA LYS C 20 20.58 -2.89 45.52
C LYS C 20 19.57 -4.02 45.41
N MET C 21 18.36 -3.71 44.93
CA MET C 21 17.35 -4.75 44.73
C MET C 21 17.75 -5.70 43.62
N GLU C 22 18.34 -5.18 42.55
CA GLU C 22 18.74 -6.01 41.42
C GLU C 22 20.04 -6.77 41.66
N ALA C 23 20.80 -6.41 42.70
CA ALA C 23 22.06 -7.09 43.00
C ALA C 23 21.89 -8.38 43.79
N ASN C 24 20.70 -8.62 44.35
CA ASN C 24 20.49 -9.73 45.28
C ASN C 24 19.89 -10.96 44.61
N ILE C 25 19.76 -10.97 43.28
CA ILE C 25 19.16 -12.10 42.60
C ILE C 25 20.16 -13.26 42.55
N ASP C 26 19.65 -14.48 42.61
CA ASP C 26 20.49 -15.67 42.52
C ASP C 26 20.65 -16.06 41.06
N ARG C 27 21.90 -16.17 40.60
CA ARG C 27 22.21 -16.43 39.21
C ARG C 27 22.78 -17.84 39.06
N ILE C 28 22.21 -18.60 38.14
CA ILE C 28 22.78 -19.88 37.77
C ILE C 28 23.95 -19.66 36.82
N LYS C 29 24.79 -20.69 36.69
CA LYS C 29 25.97 -20.58 35.85
C LYS C 29 25.60 -20.57 34.37
N VAL C 30 26.54 -20.11 33.54
CA VAL C 30 26.31 -20.03 32.10
C VAL C 30 26.17 -21.43 31.50
N SER C 31 26.82 -22.43 32.08
CA SER C 31 26.71 -23.80 31.58
C SER C 31 25.28 -24.31 31.67
N LYS C 32 24.59 -24.00 32.77
CA LYS C 32 23.20 -24.45 32.93
C LYS C 32 22.29 -23.79 31.92
N ALA C 33 22.45 -22.48 31.69
CA ALA C 33 21.63 -21.78 30.70
C ALA C 33 21.91 -22.29 29.29
N ALA C 34 23.18 -22.54 28.98
CA ALA C 34 23.55 -23.08 27.68
C ALA C 34 22.95 -24.46 27.46
N ALA C 35 23.01 -25.32 28.49
CA ALA C 35 22.40 -26.64 28.39
C ALA C 35 20.90 -26.56 28.25
N ASP C 36 20.26 -25.61 28.94
CA ASP C 36 18.81 -25.44 28.81
C ASP C 36 18.43 -25.01 27.39
N LEU C 37 19.16 -24.06 26.81
CA LEU C 37 18.87 -23.64 25.45
C LEU C 37 19.11 -24.77 24.45
N MET C 38 20.19 -25.53 24.64
CA MET C 38 20.46 -26.67 23.76
C MET C 38 19.37 -27.73 23.88
N ALA C 39 18.91 -28.00 25.11
CA ALA C 39 17.87 -28.99 25.31
C ALA C 39 16.55 -28.54 24.69
N TYR C 40 16.23 -27.25 24.78
CA TYR C 40 15.01 -26.77 24.14
C TYR C 40 15.12 -26.84 22.62
N CYS C 41 16.27 -26.45 22.06
CA CYS C 41 16.42 -26.47 20.60
C CYS C 41 16.58 -27.88 20.04
N GLU C 42 16.91 -28.87 20.88
CA GLU C 42 16.98 -30.26 20.44
C GLU C 42 15.73 -31.04 20.76
N ALA C 43 14.88 -30.56 21.67
CA ALA C 43 13.62 -31.20 22.01
C ALA C 43 12.45 -30.66 21.20
N HIS C 44 12.69 -29.71 20.30
CA HIS C 44 11.65 -29.19 19.44
C HIS C 44 12.12 -29.07 18.00
N ALA C 45 13.22 -29.72 17.64
CA ALA C 45 13.76 -29.61 16.29
C ALA C 45 12.86 -30.27 15.26
N LYS C 46 12.22 -31.38 15.64
CA LYS C 46 11.31 -32.06 14.72
C LYS C 46 10.10 -31.21 14.39
N GLU C 47 9.57 -30.49 15.39
CA GLU C 47 8.42 -29.62 15.18
C GLU C 47 8.85 -28.19 14.88
N ASP C 48 9.62 -28.06 13.79
CA ASP C 48 10.07 -26.76 13.31
C ASP C 48 9.97 -26.77 11.78
N PRO C 49 8.90 -26.20 11.21
CA PRO C 49 8.72 -26.24 9.76
C PRO C 49 9.72 -25.42 8.97
N LEU C 50 10.48 -24.52 9.61
CA LEU C 50 11.48 -23.72 8.92
C LEU C 50 12.88 -24.29 9.00
N LEU C 51 13.22 -24.95 10.12
CA LEU C 51 14.55 -25.55 10.23
C LEU C 51 14.71 -26.74 9.30
N THR C 52 13.66 -27.54 9.16
CA THR C 52 13.64 -28.69 8.27
C THR C 52 12.69 -28.43 7.09
N PRO C 53 12.98 -28.99 5.92
CA PRO C 53 12.04 -28.84 4.79
C PRO C 53 10.71 -29.48 5.09
N VAL C 54 9.64 -28.84 4.62
CA VAL C 54 8.28 -29.29 4.87
C VAL C 54 7.73 -29.96 3.61
N PRO C 55 6.89 -30.98 3.73
CA PRO C 55 6.28 -31.58 2.55
C PRO C 55 5.33 -30.62 1.85
N ALA C 56 5.18 -30.80 0.54
CA ALA C 56 4.30 -29.95 -0.24
C ALA C 56 2.85 -30.11 0.17
N SER C 57 2.43 -31.34 0.47
CA SER C 57 1.05 -31.57 0.90
C SER C 57 0.77 -30.93 2.25
N GLU C 58 1.72 -31.00 3.18
CA GLU C 58 1.53 -30.43 4.50
C GLU C 58 1.77 -28.93 4.53
N ASN C 59 2.32 -28.35 3.48
CA ASN C 59 2.60 -26.92 3.45
C ASN C 59 1.32 -26.16 3.09
N PRO C 60 0.82 -25.29 3.96
CA PRO C 60 -0.36 -24.49 3.59
C PRO C 60 -0.04 -23.40 2.58
N PHE C 61 1.23 -23.09 2.36
CA PHE C 61 1.66 -22.04 1.44
C PHE C 61 2.32 -22.70 0.24
N ARG C 62 1.54 -22.92 -0.81
CA ARG C 62 2.06 -23.55 -2.02
C ARG C 62 2.34 -22.50 -3.10
N LEU D 5 -13.49 -23.21 -6.33
CA LEU D 5 -13.86 -22.24 -5.31
C LEU D 5 -15.33 -22.37 -4.94
N SER D 6 -15.62 -22.44 -3.64
CA SER D 6 -16.99 -22.50 -3.17
C SER D 6 -17.61 -21.11 -3.22
N ALA D 7 -18.93 -21.06 -3.00
CA ALA D 7 -19.69 -19.83 -3.19
C ALA D 7 -19.22 -18.71 -2.26
N GLU D 8 -19.00 -19.04 -0.98
CA GLU D 8 -18.54 -18.02 -0.05
C GLU D 8 -17.09 -17.61 -0.33
N ASP D 9 -16.29 -18.51 -0.93
CA ASP D 9 -14.96 -18.11 -1.37
C ASP D 9 -15.02 -17.07 -2.48
N LYS D 10 -15.91 -17.26 -3.46
CA LYS D 10 -16.06 -16.28 -4.52
C LYS D 10 -16.59 -14.96 -3.98
N ALA D 11 -17.52 -15.02 -3.01
CA ALA D 11 -18.01 -13.78 -2.41
C ALA D 11 -16.93 -13.07 -1.60
N ALA D 12 -16.04 -13.83 -0.95
CA ALA D 12 -14.91 -13.23 -0.26
C ALA D 12 -13.95 -12.55 -1.24
N VAL D 13 -13.70 -13.17 -2.40
CA VAL D 13 -12.88 -12.54 -3.42
C VAL D 13 -13.54 -11.26 -3.92
N GLU D 14 -14.86 -11.28 -4.08
CA GLU D 14 -15.59 -10.07 -4.49
C GLU D 14 -15.45 -8.95 -3.45
N ARG D 15 -15.53 -9.31 -2.18
CA ARG D 15 -15.32 -8.33 -1.10
C ARG D 15 -13.91 -7.76 -1.15
N SER D 16 -12.92 -8.62 -1.38
CA SER D 16 -11.53 -8.16 -1.49
C SER D 16 -11.35 -7.20 -2.66
N LYS D 17 -11.98 -7.49 -3.80
CA LYS D 17 -11.89 -6.58 -4.95
C LYS D 17 -12.59 -5.25 -4.67
N MET D 18 -13.73 -5.28 -3.98
CA MET D 18 -14.42 -4.03 -3.65
C MET D 18 -13.56 -3.14 -2.75
N ILE D 19 -12.98 -3.73 -1.70
CA ILE D 19 -12.17 -2.90 -0.82
C ILE D 19 -10.81 -2.56 -1.43
N ASP D 20 -10.33 -3.35 -2.39
CA ASP D 20 -9.17 -2.93 -3.18
C ASP D 20 -9.48 -1.70 -4.02
N ARG D 21 -10.68 -1.66 -4.63
CA ARG D 21 -11.09 -0.49 -5.40
C ARG D 21 -11.19 0.74 -4.50
N ASN D 22 -11.77 0.58 -3.31
CA ASN D 22 -11.86 1.69 -2.37
C ASN D 22 -10.46 2.15 -1.94
N LEU D 23 -9.55 1.20 -1.72
CA LEU D 23 -8.17 1.54 -1.38
C LEU D 23 -7.50 2.34 -2.49
N ARG D 24 -7.71 1.93 -3.74
CA ARG D 24 -7.12 2.66 -4.87
C ARG D 24 -7.68 4.07 -4.97
N GLU D 25 -9.00 4.23 -4.78
CA GLU D 25 -9.60 5.56 -4.83
C GLU D 25 -9.06 6.46 -3.71
N ASP D 26 -8.94 5.92 -2.50
CA ASP D 26 -8.40 6.69 -1.38
C ASP D 26 -6.95 7.05 -1.64
N GLY D 27 -6.17 6.13 -2.22
CA GLY D 27 -4.79 6.43 -2.53
C GLY D 27 -4.64 7.51 -3.58
N GLU D 28 -5.51 7.51 -4.59
CA GLU D 28 -5.49 8.59 -5.58
C GLU D 28 -5.84 9.93 -4.94
N LYS D 29 -6.85 9.94 -4.07
CA LYS D 29 -7.23 11.18 -3.39
C LYS D 29 -6.10 11.68 -2.49
N ALA D 30 -5.38 10.77 -1.85
CA ALA D 30 -4.24 11.18 -1.02
C ALA D 30 -3.06 11.62 -1.87
N ALA D 31 -2.90 11.05 -3.07
CA ALA D 31 -1.84 11.47 -3.98
C ALA D 31 -2.13 12.82 -4.61
N ARG D 32 -3.39 13.25 -4.63
CA ARG D 32 -3.74 14.60 -5.07
C ARG D 32 -3.52 15.66 -4.00
N GLU D 33 -2.73 15.35 -2.97
CA GLU D 33 -2.63 16.17 -1.77
C GLU D 33 -1.16 16.51 -1.49
N VAL D 34 -0.91 17.74 -1.08
CA VAL D 34 0.45 18.25 -0.88
C VAL D 34 0.74 18.34 0.61
N LYS D 35 1.97 18.01 1.00
CA LYS D 35 2.31 17.82 2.40
C LYS D 35 3.38 18.81 2.84
N LEU D 36 3.11 19.48 3.96
CA LEU D 36 4.00 20.44 4.59
C LEU D 36 4.25 20.01 6.02
N LEU D 37 5.51 20.02 6.43
CA LEU D 37 5.87 19.79 7.82
C LEU D 37 6.34 21.10 8.44
N LEU D 38 5.64 21.53 9.49
CA LEU D 38 5.95 22.79 10.14
C LEU D 38 6.90 22.57 11.31
N LEU D 39 7.98 23.34 11.34
CA LEU D 39 9.02 23.19 12.35
C LEU D 39 9.46 24.56 12.82
N GLY D 40 9.98 24.60 14.03
CA GLY D 40 10.45 25.84 14.62
C GLY D 40 10.59 25.70 16.11
N ALA D 41 11.15 26.74 16.71
CA ALA D 41 11.33 26.76 18.16
C ALA D 41 10.01 27.11 18.85
N GLY D 42 9.98 26.93 20.17
CA GLY D 42 8.77 27.17 20.92
C GLY D 42 8.36 28.64 20.94
N GLU D 43 9.33 29.54 21.12
CA GLU D 43 9.07 30.97 21.11
C GLU D 43 9.33 31.59 19.75
N SER D 44 9.66 30.79 18.73
CA SER D 44 9.95 31.33 17.41
C SER D 44 8.70 31.90 16.76
N GLY D 45 7.56 31.24 16.92
CA GLY D 45 6.31 31.72 16.37
C GLY D 45 5.77 30.85 15.25
N LYS D 46 4.81 29.99 15.59
CA LYS D 46 4.10 29.17 14.62
C LYS D 46 2.62 29.45 14.58
N ASN D 47 2.03 29.94 15.68
CA ASN D 47 0.61 30.25 15.68
C ASN D 47 0.27 31.46 14.82
N THR D 48 1.25 32.32 14.54
CA THR D 48 1.01 33.43 13.63
C THR D 48 0.94 32.95 12.18
N ILE D 49 1.61 31.84 11.86
CA ILE D 49 1.60 31.33 10.49
C ILE D 49 0.46 30.36 10.24
N VAL D 50 -0.22 29.88 11.28
CA VAL D 50 -1.39 29.02 11.10
C VAL D 50 -2.71 29.77 11.31
N LYS D 51 -2.66 31.03 11.72
CA LYS D 51 -3.86 31.83 11.93
C LYS D 51 -4.21 32.70 10.73
N GLN D 52 -3.49 32.56 9.62
CA GLN D 52 -3.74 33.34 8.42
C GLN D 52 -4.60 32.60 7.40
N MET D 53 -5.19 31.47 7.80
CA MET D 53 -6.01 30.69 6.88
C MET D 53 -7.27 31.44 6.47
N LYS D 54 -7.92 32.10 7.43
CA LYS D 54 -9.17 32.82 7.16
C LYS D 54 -8.90 34.22 6.64
N THR D 182 -0.73 17.47 22.98
CA THR D 182 -0.63 16.01 22.92
C THR D 182 -0.55 15.53 21.47
N GLY D 183 0.51 14.80 21.16
CA GLY D 183 0.68 14.28 19.81
C GLY D 183 1.11 15.37 18.85
N ILE D 184 0.87 15.10 17.56
CA ILE D 184 1.15 16.06 16.51
C ILE D 184 -0.18 16.58 15.96
N VAL D 185 -0.16 17.82 15.47
CA VAL D 185 -1.37 18.53 15.10
C VAL D 185 -1.42 18.67 13.58
N GLU D 186 -2.64 18.56 13.03
CA GLU D 186 -2.86 18.63 11.60
C GLU D 186 -3.75 19.82 11.28
N THR D 187 -3.38 20.60 10.27
CA THR D 187 -4.21 21.69 9.77
C THR D 187 -4.41 21.48 8.28
N HIS D 188 -5.68 21.32 7.88
CA HIS D 188 -6.03 21.11 6.48
C HIS D 188 -6.66 22.38 5.93
N PHE D 189 -6.16 22.86 4.80
CA PHE D 189 -6.76 24.03 4.16
C PHE D 189 -6.67 23.88 2.66
N THR D 190 -7.30 24.82 1.94
CA THR D 190 -7.37 24.78 0.50
C THR D 190 -7.07 26.16 -0.05
N PHE D 191 -6.06 26.24 -0.91
CA PHE D 191 -5.66 27.49 -1.54
C PHE D 191 -5.51 27.26 -3.04
N LYS D 192 -6.24 28.05 -3.83
CA LYS D 192 -6.15 28.06 -5.30
C LYS D 192 -6.31 26.67 -5.88
N ASP D 193 -7.39 25.99 -5.47
CA ASP D 193 -7.73 24.64 -5.91
C ASP D 193 -6.63 23.64 -5.57
N LEU D 194 -5.87 23.90 -4.51
CA LEU D 194 -4.84 22.98 -4.05
C LEU D 194 -5.07 22.69 -2.58
N HIS D 195 -5.05 21.41 -2.22
CA HIS D 195 -5.31 20.98 -0.85
C HIS D 195 -3.99 20.82 -0.11
N PHE D 196 -3.90 21.43 1.07
CA PHE D 196 -2.70 21.40 1.89
C PHE D 196 -3.00 20.76 3.24
N LYS D 197 -2.09 19.91 3.71
CA LYS D 197 -2.03 19.50 5.10
C LYS D 197 -0.71 19.98 5.70
N MET D 198 -0.79 20.58 6.88
CA MET D 198 0.36 21.05 7.63
C MET D 198 0.44 20.30 8.94
N PHE D 199 1.58 19.68 9.21
CA PHE D 199 1.80 18.90 10.42
C PHE D 199 2.72 19.68 11.35
N ASP D 200 2.29 19.84 12.60
CA ASP D 200 3.08 20.50 13.63
C ASP D 200 3.49 19.41 14.62
N VAL D 201 4.79 19.29 14.85
CA VAL D 201 5.34 18.25 15.72
C VAL D 201 6.03 18.93 16.91
N GLY D 202 5.54 20.10 17.29
CA GLY D 202 6.16 20.84 18.39
C GLY D 202 5.90 20.25 19.76
N ALA D 203 4.88 19.41 19.89
CA ALA D 203 4.56 18.79 21.16
C ALA D 203 5.28 17.47 21.36
N GLN D 204 6.14 17.07 20.43
CA GLN D 204 6.90 15.82 20.53
C GLN D 204 8.23 16.12 21.18
N ARG D 205 8.33 15.87 22.50
CA ARG D 205 9.56 16.09 23.24
C ARG D 205 10.28 14.75 23.36
N SER D 206 10.89 14.34 22.26
CA SER D 206 11.60 13.06 22.19
C SER D 206 12.71 13.18 21.16
N GLU D 207 13.30 12.04 20.80
CA GLU D 207 14.37 12.02 19.81
C GLU D 207 13.77 12.17 18.41
N ARG D 208 14.19 13.21 17.70
CA ARG D 208 13.70 13.41 16.34
C ARG D 208 14.20 12.33 15.39
N LYS D 209 15.38 11.78 15.65
CA LYS D 209 16.03 10.84 14.74
C LYS D 209 15.33 9.49 14.65
N LYS D 210 14.24 9.29 15.39
CA LYS D 210 13.53 8.02 15.34
C LYS D 210 12.10 8.13 14.80
N TRP D 211 11.65 9.34 14.45
CA TRP D 211 10.37 9.48 13.77
C TRP D 211 10.44 10.48 12.63
N ILE D 212 11.62 10.98 12.29
CA ILE D 212 11.73 11.94 11.19
C ILE D 212 11.64 11.26 9.83
N HIS D 213 11.95 9.96 9.75
CA HIS D 213 11.80 9.25 8.49
C HIS D 213 10.34 9.08 8.09
N CYS D 214 9.42 9.28 9.03
CA CYS D 214 8.00 9.34 8.71
C CYS D 214 7.66 10.54 7.83
N PHE D 215 8.52 11.55 7.81
CA PHE D 215 8.30 12.76 7.03
C PHE D 215 9.23 12.84 5.83
N GLU D 216 9.73 11.69 5.37
CA GLU D 216 10.63 11.67 4.23
C GLU D 216 9.94 12.06 2.94
N GLY D 217 8.67 11.70 2.79
CA GLY D 217 7.94 11.97 1.57
C GLY D 217 7.19 13.29 1.52
N VAL D 218 7.40 14.18 2.49
CA VAL D 218 6.68 15.45 2.49
C VAL D 218 7.16 16.32 1.34
N THR D 219 6.26 17.14 0.82
CA THR D 219 6.61 18.04 -0.28
C THR D 219 7.52 19.15 0.20
N ALA D 220 7.19 19.79 1.32
CA ALA D 220 8.01 20.88 1.81
C ALA D 220 8.05 20.88 3.33
N ILE D 221 9.10 21.46 3.87
CA ILE D 221 9.21 21.72 5.30
C ILE D 221 9.33 23.22 5.51
N ILE D 222 8.40 23.76 6.29
CA ILE D 222 8.41 25.17 6.66
C ILE D 222 9.17 25.31 7.96
N PHE D 223 10.11 26.23 8.02
CA PHE D 223 10.90 26.49 9.21
C PHE D 223 10.65 27.92 9.66
N CYS D 224 10.15 28.08 10.87
CA CYS D 224 9.88 29.40 11.43
C CYS D 224 11.05 29.78 12.34
N VAL D 225 11.70 30.90 12.02
CA VAL D 225 12.79 31.44 12.83
C VAL D 225 12.42 32.85 13.21
N ALA D 226 12.50 33.17 14.49
CA ALA D 226 12.17 34.51 14.96
C ALA D 226 13.37 35.43 14.89
N LEU D 227 13.12 36.67 14.47
CA LEU D 227 14.15 37.70 14.44
C LEU D 227 14.22 38.50 15.72
N SER D 228 13.21 38.41 16.57
CA SER D 228 13.09 39.24 17.75
C SER D 228 13.83 38.69 18.96
N ASP D 229 14.48 37.54 18.84
CA ASP D 229 15.15 36.90 19.96
C ASP D 229 16.65 36.72 19.70
N TYR D 230 17.25 37.67 18.97
CA TYR D 230 18.70 37.61 18.77
C TYR D 230 19.45 38.01 20.03
N ASP D 231 18.85 38.87 20.86
CA ASP D 231 19.49 39.36 22.07
C ASP D 231 19.00 38.67 23.34
N LEU D 232 18.18 37.63 23.22
CA LEU D 232 17.60 36.97 24.38
C LEU D 232 18.12 35.54 24.44
N VAL D 233 18.59 35.13 25.62
CA VAL D 233 19.14 33.80 25.84
C VAL D 233 18.17 33.01 26.69
N LEU D 234 17.79 31.82 26.23
CA LEU D 234 16.86 30.97 26.96
C LEU D 234 17.29 29.51 26.89
N MET D 240 22.81 30.33 26.69
CA MET D 240 22.81 30.03 25.26
C MET D 240 21.75 30.85 24.53
N ASN D 241 22.16 31.53 23.46
CA ASN D 241 21.24 32.30 22.66
C ASN D 241 20.26 31.37 21.95
N ARG D 242 18.95 31.68 22.07
CA ARG D 242 17.95 30.80 21.47
C ARG D 242 17.92 30.92 19.95
N MET D 243 18.37 32.05 19.39
CA MET D 243 18.53 32.13 17.96
C MET D 243 19.62 31.19 17.47
N HIS D 244 20.70 31.04 18.25
CA HIS D 244 21.73 30.06 17.92
C HIS D 244 21.18 28.65 17.98
N ALA D 245 20.28 28.37 18.93
CA ALA D 245 19.60 27.09 18.95
C ALA D 245 18.74 26.90 17.71
N SER D 246 18.12 27.97 17.23
CA SER D 246 17.37 27.90 15.98
C SER D 246 18.28 27.57 14.80
N MET D 247 19.47 28.19 14.76
CA MET D 247 20.44 27.87 13.71
C MET D 247 20.88 26.41 13.80
N LYS D 248 21.09 25.91 15.01
CA LYS D 248 21.48 24.51 15.18
C LYS D 248 20.37 23.57 14.70
N LEU D 249 19.12 23.88 15.03
CA LEU D 249 18.00 23.06 14.56
C LEU D 249 17.88 23.11 13.05
N PHE D 250 18.06 24.30 12.45
CA PHE D 250 18.01 24.43 11.00
C PHE D 250 19.12 23.63 10.33
N ASP D 251 20.33 23.67 10.91
CA ASP D 251 21.45 22.91 10.36
C ASP D 251 21.19 21.41 10.48
N SER D 252 20.60 20.97 11.58
CA SER D 252 20.32 19.55 11.76
C SER D 252 19.24 19.08 10.78
N ILE D 253 18.20 19.89 10.57
CA ILE D 253 17.09 19.46 9.72
C ILE D 253 17.47 19.54 8.24
N CYS D 254 18.15 20.62 7.83
CA CYS D 254 18.47 20.80 6.42
C CYS D 254 19.44 19.74 5.92
N ASN D 255 20.46 19.41 6.71
CA ASN D 255 21.45 18.43 6.32
C ASN D 255 21.11 17.02 6.82
N ASN D 256 19.84 16.75 7.08
CA ASN D 256 19.42 15.42 7.46
C ASN D 256 19.50 14.47 6.27
N LYS D 257 19.70 13.17 6.57
CA LYS D 257 19.82 12.19 5.51
C LYS D 257 18.46 11.88 4.86
N TRP D 258 17.36 12.19 5.53
CA TRP D 258 16.03 11.95 5.00
C TRP D 258 15.48 13.15 4.24
N PHE D 259 16.19 14.27 4.21
CA PHE D 259 15.75 15.50 3.58
C PHE D 259 16.79 15.99 2.59
N THR D 260 17.26 15.09 1.73
CA THR D 260 18.29 15.44 0.76
C THR D 260 17.77 16.40 -0.30
N ASP D 261 16.50 16.29 -0.68
CA ASP D 261 15.92 17.13 -1.71
C ASP D 261 14.54 17.61 -1.31
N THR D 262 14.38 18.03 -0.05
CA THR D 262 13.12 18.55 0.46
C THR D 262 13.25 20.05 0.65
N SER D 263 12.32 20.80 0.07
CA SER D 263 12.42 22.25 0.05
C SER D 263 12.18 22.84 1.43
N ILE D 264 12.91 23.91 1.73
CA ILE D 264 12.78 24.68 2.96
C ILE D 264 12.04 25.96 2.63
N ILE D 265 10.98 26.25 3.36
CA ILE D 265 10.34 27.56 3.33
C ILE D 265 10.68 28.23 4.65
N LEU D 266 11.66 29.11 4.63
CA LEU D 266 12.13 29.77 5.84
C LEU D 266 11.35 31.06 6.05
N PHE D 267 10.53 31.09 7.09
CA PHE D 267 9.79 32.27 7.48
C PHE D 267 10.49 32.91 8.67
N LEU D 268 10.98 34.14 8.47
CA LEU D 268 11.59 34.90 9.54
C LEU D 268 10.53 35.83 10.12
N ASN D 269 10.16 35.57 11.37
CA ASN D 269 9.03 36.20 12.03
C ASN D 269 9.46 37.46 12.78
N LYS D 270 8.44 38.23 13.21
CA LYS D 270 8.60 39.39 14.08
C LYS D 270 9.57 40.42 13.50
N LYS D 271 9.21 40.96 12.33
CA LYS D 271 10.02 42.02 11.73
C LYS D 271 9.77 43.37 12.40
N ASP D 272 8.54 43.62 12.88
CA ASP D 272 8.27 44.87 13.57
C ASP D 272 9.02 44.95 14.89
N LEU D 273 9.06 43.84 15.65
CA LEU D 273 9.85 43.80 16.86
C LEU D 273 11.32 43.94 16.55
N PHE D 274 11.77 43.38 15.43
CA PHE D 274 13.16 43.53 15.02
C PHE D 274 13.50 44.98 14.73
N GLU D 275 12.61 45.70 14.04
CA GLU D 275 12.83 47.12 13.76
C GLU D 275 12.83 47.94 15.04
N GLU D 276 11.91 47.64 15.97
CA GLU D 276 11.86 48.39 17.23
C GLU D 276 13.01 48.03 18.17
N LYS D 277 13.61 46.87 18.00
CA LYS D 277 14.65 46.39 18.92
C LYS D 277 16.07 46.67 18.44
N ILE D 278 16.29 46.66 17.12
CA ILE D 278 17.63 46.90 16.58
C ILE D 278 18.10 48.33 16.76
N LYS D 279 17.19 49.26 17.09
CA LYS D 279 17.56 50.65 17.29
C LYS D 279 18.31 50.88 18.59
N LYS D 280 18.24 49.94 19.53
CA LYS D 280 18.92 50.09 20.81
C LYS D 280 19.84 48.92 21.13
N SER D 281 19.46 47.70 20.74
CA SER D 281 20.27 46.52 21.03
C SER D 281 21.00 46.09 19.77
N PRO D 282 22.33 46.08 19.76
CA PRO D 282 23.06 45.74 18.53
C PRO D 282 23.06 44.24 18.26
N LEU D 283 23.49 43.90 17.05
CA LEU D 283 23.56 42.51 16.61
C LEU D 283 24.86 41.83 16.99
N THR D 284 25.74 42.51 17.72
CA THR D 284 27.00 41.90 18.14
C THR D 284 26.77 40.78 19.15
N ILE D 285 25.63 40.81 19.85
CA ILE D 285 25.34 39.79 20.85
C ILE D 285 25.17 38.43 20.22
N CYS D 286 24.42 38.36 19.11
CA CYS D 286 24.18 37.08 18.46
C CYS D 286 25.32 36.72 17.51
N TYR D 287 25.89 37.71 16.84
CA TYR D 287 26.93 37.48 15.82
C TYR D 287 28.10 38.41 16.07
N PRO D 288 29.23 37.90 16.56
CA PRO D 288 30.36 38.79 16.84
C PRO D 288 31.01 39.37 15.60
N GLU D 289 30.94 38.68 14.47
CA GLU D 289 31.63 39.09 13.25
C GLU D 289 30.70 39.79 12.27
N TYR D 290 29.76 40.60 12.77
CA TYR D 290 28.81 41.31 11.93
C TYR D 290 29.51 42.30 11.01
N ALA D 291 30.12 43.34 11.59
CA ALA D 291 30.85 44.37 10.87
C ALA D 291 30.01 45.00 9.75
N GLY D 292 28.87 45.54 10.14
CA GLY D 292 27.94 46.13 9.19
C GLY D 292 27.10 47.20 9.85
N SER D 293 26.23 47.81 9.03
CA SER D 293 25.36 48.86 9.51
C SER D 293 24.31 48.30 10.46
N ASN D 294 24.00 49.07 11.50
CA ASN D 294 23.01 48.66 12.51
C ASN D 294 21.61 49.15 12.15
N THR D 295 21.17 48.83 10.93
CA THR D 295 19.84 49.15 10.46
C THR D 295 19.03 47.87 10.28
N TYR D 296 17.78 48.03 9.86
CA TYR D 296 16.91 46.87 9.67
C TYR D 296 17.34 46.04 8.47
N GLU D 297 17.60 46.69 7.34
CA GLU D 297 17.88 45.97 6.10
C GLU D 297 19.20 45.20 6.18
N GLU D 298 20.24 45.85 6.68
CA GLU D 298 21.56 45.21 6.74
C GLU D 298 21.57 44.03 7.70
N ALA D 299 21.01 44.22 8.90
CA ALA D 299 20.97 43.13 9.86
C ALA D 299 20.07 41.99 9.40
N ALA D 300 18.93 42.32 8.79
CA ALA D 300 18.03 41.29 8.29
C ALA D 300 18.66 40.48 7.17
N ALA D 301 19.34 41.16 6.23
CA ALA D 301 20.04 40.46 5.17
C ALA D 301 21.18 39.62 5.71
N TYR D 302 21.88 40.12 6.74
CA TYR D 302 22.96 39.33 7.34
C TYR D 302 22.42 38.07 8.00
N ILE D 303 21.30 38.18 8.71
CA ILE D 303 20.71 37.01 9.35
C ILE D 303 20.24 36.00 8.30
N GLN D 304 19.61 36.51 7.23
CA GLN D 304 19.16 35.64 6.15
C GLN D 304 20.33 34.90 5.50
N CYS D 305 21.42 35.62 5.22
CA CYS D 305 22.58 35.00 4.60
C CYS D 305 23.24 34.00 5.54
N GLN D 306 23.26 34.29 6.85
CA GLN D 306 23.80 33.36 7.82
C GLN D 306 22.96 32.08 7.89
N PHE D 307 21.67 32.19 7.63
CA PHE D 307 20.85 30.98 7.57
C PHE D 307 21.00 30.24 6.24
N GLU D 308 21.23 30.96 5.13
CA GLU D 308 21.48 30.28 3.87
C GLU D 308 22.81 29.54 3.87
N ASP D 309 23.82 30.10 4.55
CA ASP D 309 25.16 29.51 4.56
C ASP D 309 25.22 28.19 5.30
N LEU D 310 24.18 27.82 6.05
CA LEU D 310 24.13 26.53 6.73
C LEU D 310 23.70 25.40 5.80
N ASN D 311 23.40 25.70 4.55
CA ASN D 311 22.91 24.72 3.58
C ASN D 311 24.10 24.10 2.87
N LYS D 312 24.51 22.92 3.31
CA LYS D 312 25.49 22.12 2.60
C LYS D 312 24.80 21.34 1.49
N ARG D 313 25.50 21.18 0.37
CA ARG D 313 24.97 20.53 -0.83
C ARG D 313 23.67 21.19 -1.29
N LYS D 314 23.80 22.47 -1.67
CA LYS D 314 22.65 23.29 -2.05
C LYS D 314 22.34 23.22 -3.54
N ASP D 315 23.02 22.35 -4.29
CA ASP D 315 22.65 22.15 -5.68
C ASP D 315 21.31 21.44 -5.80
N THR D 316 21.08 20.41 -4.99
CA THR D 316 19.83 19.67 -4.98
C THR D 316 18.83 20.19 -3.96
N LYS D 317 19.20 21.20 -3.19
CA LYS D 317 18.34 21.79 -2.17
C LYS D 317 17.99 23.22 -2.54
N GLU D 318 16.79 23.64 -2.18
CA GLU D 318 16.36 25.00 -2.43
C GLU D 318 15.71 25.56 -1.18
N ILE D 319 16.11 26.77 -0.79
CA ILE D 319 15.62 27.42 0.41
C ILE D 319 14.86 28.67 -0.02
N TYR D 320 13.61 28.78 0.40
CA TYR D 320 12.80 29.96 0.12
C TYR D 320 12.73 30.81 1.38
N THR D 321 12.99 32.11 1.23
CA THR D 321 13.04 33.03 2.36
C THR D 321 11.97 34.10 2.19
N HIS D 322 11.16 34.29 3.23
CA HIS D 322 10.18 35.35 3.27
C HIS D 322 10.19 35.98 4.65
N PHE D 323 9.80 37.25 4.71
CA PHE D 323 9.75 37.99 5.97
C PHE D 323 8.29 38.11 6.38
N THR D 324 7.97 37.65 7.59
CA THR D 324 6.59 37.48 8.00
C THR D 324 6.02 38.84 8.42
N CYS D 325 4.94 39.24 7.76
CA CYS D 325 4.20 40.45 8.12
C CYS D 325 2.80 40.05 8.57
N SER D 326 2.43 40.48 9.78
CA SER D 326 1.16 40.05 10.35
C SER D 326 -0.03 40.70 9.63
N THR D 327 0.14 41.94 9.18
CA THR D 327 -0.95 42.69 8.54
C THR D 327 -1.01 42.44 7.04
N ASP D 328 -1.04 41.17 6.65
CA ASP D 328 -1.15 40.81 5.24
C ASP D 328 -1.73 39.41 5.12
N THR D 329 -2.25 39.08 3.95
CA THR D 329 -2.82 37.77 3.68
C THR D 329 -2.11 37.05 2.54
N LYS D 330 -0.93 37.53 2.13
CA LYS D 330 -0.22 36.93 1.02
C LYS D 330 0.73 35.82 1.43
N ASN D 331 0.90 35.58 2.73
CA ASN D 331 1.93 34.67 3.22
C ASN D 331 1.72 33.25 2.69
N VAL D 332 0.49 32.74 2.82
CA VAL D 332 0.17 31.41 2.31
C VAL D 332 0.40 31.37 0.79
N GLN D 333 0.12 32.48 0.10
CA GLN D 333 0.37 32.56 -1.33
C GLN D 333 1.83 32.28 -1.64
N PHE D 334 2.74 32.83 -0.83
CA PHE D 334 4.16 32.56 -0.99
C PHE D 334 4.43 31.07 -0.93
N VAL D 335 3.88 30.40 0.08
CA VAL D 335 4.04 28.95 0.20
C VAL D 335 3.52 28.27 -1.05
N PHE D 336 2.35 28.72 -1.54
CA PHE D 336 1.76 28.18 -2.76
C PHE D 336 2.77 28.22 -3.89
N ASP D 337 3.40 29.37 -4.10
CA ASP D 337 4.36 29.52 -5.18
C ASP D 337 5.50 28.52 -5.01
N ALA D 338 6.04 28.45 -3.79
CA ALA D 338 7.12 27.51 -3.53
C ALA D 338 6.65 26.10 -3.77
N VAL D 339 5.45 25.76 -3.29
CA VAL D 339 4.91 24.42 -3.47
C VAL D 339 4.81 24.10 -4.95
N THR D 340 4.36 25.08 -5.74
CA THR D 340 4.19 24.88 -7.17
C THR D 340 5.50 24.43 -7.81
N ASP D 341 6.61 25.06 -7.42
CA ASP D 341 7.90 24.73 -8.01
C ASP D 341 8.23 23.26 -7.81
N VAL D 342 7.97 22.74 -6.60
CA VAL D 342 8.29 21.35 -6.31
C VAL D 342 7.51 20.43 -7.23
N ILE D 343 6.21 20.73 -7.43
CA ILE D 343 5.39 19.91 -8.33
C ILE D 343 5.99 19.92 -9.72
N ILE D 344 6.40 21.10 -10.20
CA ILE D 344 7.01 21.21 -11.52
C ILE D 344 8.26 20.35 -11.57
N LYS D 345 9.09 20.44 -10.52
CA LYS D 345 10.29 19.60 -10.47
C LYS D 345 9.91 18.13 -10.45
N ASN D 346 8.89 17.78 -9.65
CA ASN D 346 8.44 16.40 -9.61
C ASN D 346 7.89 15.98 -10.97
N ASN D 347 7.21 16.91 -11.65
CA ASN D 347 6.71 16.59 -12.99
C ASN D 347 7.86 16.39 -13.96
N LEU D 348 8.96 17.13 -13.80
CA LEU D 348 10.13 16.87 -14.61
C LEU D 348 10.75 15.52 -14.30
N LYS D 349 10.52 14.99 -13.10
CA LYS D 349 10.91 13.62 -12.80
C LYS D 349 9.94 12.61 -13.38
N ASP D 350 8.71 13.01 -13.65
CA ASP D 350 7.71 12.07 -14.18
C ASP D 350 7.89 11.81 -15.66
N CYS D 351 8.28 12.83 -16.43
CA CYS D 351 8.47 12.69 -17.86
C CYS D 351 9.91 12.36 -18.24
N GLY D 352 10.79 12.18 -17.25
CA GLY D 352 12.14 11.71 -17.53
C GLY D 352 13.09 12.72 -18.09
N LEU D 353 12.94 14.00 -17.75
CA LEU D 353 13.88 15.04 -18.17
C LEU D 353 14.18 15.97 -17.01
N PHE D 354 14.29 15.43 -15.80
CA PHE D 354 14.49 16.25 -14.60
C PHE D 354 15.88 16.85 -14.55
N SER E 2 26.58 17.76 49.44
CA SER E 2 27.67 17.03 48.81
C SER E 2 27.39 15.53 48.79
N GLU E 3 26.16 15.16 49.11
CA GLU E 3 25.76 13.75 49.12
C GLU E 3 25.57 13.17 47.73
N LEU E 4 25.49 14.02 46.70
CA LEU E 4 25.34 13.52 45.33
C LEU E 4 26.57 12.73 44.90
N ASP E 5 27.76 13.21 45.26
CA ASP E 5 28.98 12.48 44.93
C ASP E 5 29.04 11.14 45.67
N GLN E 6 28.61 11.13 46.94
CA GLN E 6 28.57 9.87 47.68
C GLN E 6 27.60 8.89 47.07
N LEU E 7 26.43 9.37 46.63
CA LEU E 7 25.46 8.49 45.99
C LEU E 7 25.98 7.97 44.66
N ARG E 8 26.68 8.82 43.90
CA ARG E 8 27.29 8.35 42.65
C ARG E 8 28.36 7.30 42.91
N GLN E 9 29.17 7.49 43.95
CA GLN E 9 30.18 6.50 44.31
C GLN E 9 29.52 5.19 44.74
N GLU E 10 28.41 5.28 45.48
CA GLU E 10 27.69 4.07 45.86
C GLU E 10 27.12 3.35 44.64
N ALA E 11 26.60 4.12 43.68
CA ALA E 11 26.09 3.51 42.45
C ALA E 11 27.21 2.82 41.68
N GLU E 12 28.39 3.45 41.60
CA GLU E 12 29.53 2.83 40.95
C GLU E 12 29.95 1.56 41.69
N GLN E 13 29.91 1.58 43.02
CA GLN E 13 30.26 0.40 43.81
C GLN E 13 29.29 -0.75 43.54
N LEU E 14 27.99 -0.45 43.48
CA LEU E 14 27.02 -1.49 43.17
C LEU E 14 27.16 -2.01 41.74
N LYS E 15 27.49 -1.13 40.80
CA LYS E 15 27.75 -1.58 39.44
C LYS E 15 28.96 -2.51 39.38
N ASN E 16 30.02 -2.18 40.12
CA ASN E 16 31.18 -3.07 40.20
C ASN E 16 30.81 -4.39 40.86
N GLN E 17 29.94 -4.35 41.87
CA GLN E 17 29.52 -5.57 42.55
C GLN E 17 28.76 -6.50 41.61
N ILE E 18 27.81 -5.94 40.85
CA ILE E 18 27.03 -6.78 39.94
C ILE E 18 27.90 -7.27 38.79
N ARG E 19 28.86 -6.46 38.33
CA ARG E 19 29.78 -6.91 37.29
C ARG E 19 30.65 -8.06 37.79
N ASP E 20 31.14 -7.96 39.04
CA ASP E 20 31.94 -9.03 39.61
C ASP E 20 31.12 -10.31 39.78
N ALA E 21 29.86 -10.17 40.22
CA ALA E 21 29.00 -11.34 40.35
C ALA E 21 28.74 -12.01 39.01
N ARG E 22 28.49 -11.20 37.97
CA ARG E 22 28.28 -11.75 36.63
C ARG E 22 29.54 -12.44 36.12
N LYS E 23 30.71 -11.85 36.38
CA LYS E 23 31.95 -12.48 35.95
C LYS E 23 32.20 -13.79 36.69
N ALA E 24 31.86 -13.84 37.98
CA ALA E 24 32.00 -15.08 38.73
C ALA E 24 31.02 -16.14 38.24
N CYS E 25 29.83 -15.73 37.79
CA CYS E 25 28.87 -16.68 37.25
C CYS E 25 29.21 -17.14 35.84
N ALA E 26 30.20 -16.53 35.19
CA ALA E 26 30.58 -16.90 33.82
C ALA E 26 31.74 -17.89 33.87
N ASP E 27 31.53 -19.08 33.29
CA ASP E 27 32.56 -20.10 33.23
C ASP E 27 32.90 -20.50 31.80
N ALA E 28 31.90 -20.77 30.97
CA ALA E 28 32.14 -21.15 29.59
C ALA E 28 31.05 -20.57 28.71
N THR E 29 31.45 -20.08 27.54
CA THR E 29 30.51 -19.49 26.60
C THR E 29 29.70 -20.58 25.90
N LEU E 30 28.52 -20.20 25.41
CA LEU E 30 27.68 -21.14 24.69
C LEU E 30 28.31 -21.54 23.35
N SER E 31 29.18 -20.70 22.79
CA SER E 31 29.88 -21.07 21.57
C SER E 31 30.78 -22.27 21.80
N GLN E 32 31.47 -22.33 22.94
CA GLN E 32 32.33 -23.47 23.24
C GLN E 32 31.50 -24.74 23.40
N ILE E 33 30.32 -24.64 24.00
CA ILE E 33 29.47 -25.81 24.18
C ILE E 33 28.91 -26.29 22.85
N THR E 34 28.50 -25.35 21.99
CA THR E 34 27.90 -25.70 20.71
C THR E 34 28.92 -25.87 19.59
N ASN E 35 30.22 -25.81 19.90
CA ASN E 35 31.22 -26.15 18.90
C ASN E 35 31.14 -27.61 18.45
N ASN E 36 30.42 -28.46 19.19
CA ASN E 36 30.33 -29.88 18.89
C ASN E 36 28.95 -30.31 18.42
N ILE E 37 28.04 -29.38 18.15
CA ILE E 37 26.70 -29.72 17.67
C ILE E 37 26.67 -29.51 16.17
N ASP E 38 25.94 -30.39 15.48
CA ASP E 38 25.90 -30.37 14.02
C ASP E 38 25.15 -29.13 13.55
N PRO E 39 25.76 -28.31 12.70
CA PRO E 39 25.07 -27.11 12.20
C PRO E 39 24.17 -27.43 11.01
N VAL E 40 23.45 -26.41 10.58
CA VAL E 40 22.67 -26.46 9.34
C VAL E 40 23.49 -25.76 8.27
N GLY E 41 23.73 -26.45 7.16
CA GLY E 41 24.59 -25.90 6.11
C GLY E 41 24.01 -24.64 5.49
N ARG E 42 22.72 -24.68 5.14
CA ARG E 42 22.04 -23.55 4.52
C ARG E 42 20.55 -23.84 4.49
N ILE E 43 19.76 -22.80 4.71
CA ILE E 43 18.32 -22.87 4.52
C ILE E 43 17.94 -22.00 3.33
N GLN E 44 16.90 -22.42 2.63
CA GLN E 44 16.48 -21.74 1.40
C GLN E 44 14.97 -21.55 1.46
N MET E 45 14.54 -20.39 1.91
CA MET E 45 13.14 -20.03 1.99
C MET E 45 12.80 -19.07 0.86
N ARG E 46 11.72 -19.36 0.14
CA ARG E 46 11.30 -18.54 -0.98
C ARG E 46 9.91 -17.97 -0.73
N THR E 47 9.55 -17.01 -1.57
CA THR E 47 8.29 -16.31 -1.46
C THR E 47 7.16 -17.18 -1.99
N ARG E 48 6.23 -17.55 -1.12
CA ARG E 48 5.02 -18.24 -1.52
C ARG E 48 3.84 -17.31 -1.72
N ARG E 49 3.82 -16.17 -1.03
CA ARG E 49 2.71 -15.25 -1.08
C ARG E 49 3.22 -13.83 -1.02
N THR E 50 2.66 -12.96 -1.86
CA THR E 50 2.94 -11.53 -1.85
C THR E 50 1.63 -10.79 -1.68
N LEU E 51 1.54 -9.96 -0.66
CA LEU E 51 0.33 -9.22 -0.33
C LEU E 51 0.49 -7.78 -0.79
N ARG E 52 -0.33 -7.37 -1.75
CA ARG E 52 -0.29 -6.03 -2.32
C ARG E 52 -1.58 -5.29 -1.98
N GLY E 53 -1.47 -3.97 -1.88
CA GLY E 53 -2.62 -3.14 -1.57
C GLY E 53 -2.26 -1.92 -0.75
N HIS E 54 -1.10 -1.96 -0.09
CA HIS E 54 -0.62 -0.81 0.65
C HIS E 54 0.01 0.19 -0.31
N LEU E 55 -0.25 1.47 -0.08
CA LEU E 55 0.24 2.55 -0.93
C LEU E 55 1.27 3.43 -0.22
N ALA E 56 1.84 2.95 0.87
CA ALA E 56 2.88 3.67 1.59
C ALA E 56 3.71 2.65 2.37
N LYS E 57 4.65 3.16 3.15
CA LYS E 57 5.57 2.28 3.87
C LYS E 57 4.84 1.52 4.96
N ILE E 58 5.07 0.22 5.02
CA ILE E 58 4.55 -0.63 6.09
C ILE E 58 5.44 -0.47 7.30
N TYR E 59 4.85 -0.10 8.44
CA TYR E 59 5.65 0.13 9.63
C TYR E 59 5.51 -0.97 10.67
N ALA E 60 4.46 -1.77 10.62
CA ALA E 60 4.30 -2.86 11.56
C ALA E 60 3.41 -3.94 10.97
N MET E 61 3.59 -5.16 11.45
CA MET E 61 2.67 -6.25 11.16
C MET E 61 2.64 -7.18 12.37
N HIS E 62 1.53 -7.88 12.51
CA HIS E 62 1.39 -8.88 13.56
C HIS E 62 0.57 -10.04 13.04
N TRP E 63 0.92 -11.25 13.46
CA TRP E 63 0.20 -12.46 13.12
C TRP E 63 -0.95 -12.68 14.10
N GLY E 64 -1.94 -13.43 13.66
CA GLY E 64 -2.96 -13.92 14.55
C GLY E 64 -2.50 -15.16 15.28
N THR E 65 -3.32 -15.59 16.25
CA THR E 65 -3.03 -16.82 16.96
C THR E 65 -3.21 -18.04 16.06
N ASP E 66 -4.20 -17.98 15.16
CA ASP E 66 -4.49 -19.09 14.26
C ASP E 66 -3.45 -19.25 13.16
N SER E 67 -2.50 -18.33 13.02
CA SER E 67 -1.42 -18.39 12.05
C SER E 67 -1.93 -18.38 10.61
N ARG E 68 -3.08 -17.78 10.39
CA ARG E 68 -3.62 -17.57 9.06
C ARG E 68 -3.99 -16.13 8.79
N LEU E 69 -4.50 -15.42 9.79
CA LEU E 69 -4.82 -14.01 9.66
C LEU E 69 -3.65 -13.18 10.14
N LEU E 70 -3.45 -12.02 9.49
CA LEU E 70 -2.44 -11.09 9.96
C LEU E 70 -2.93 -9.67 9.76
N VAL E 71 -2.33 -8.74 10.48
CA VAL E 71 -2.70 -7.34 10.41
C VAL E 71 -1.45 -6.54 10.05
N SER E 72 -1.60 -5.61 9.11
CA SER E 72 -0.50 -4.76 8.67
C SER E 72 -0.91 -3.30 8.73
N ALA E 73 0.04 -2.44 9.07
CA ALA E 73 -0.21 -1.02 9.27
C ALA E 73 0.68 -0.21 8.35
N SER E 74 0.08 0.73 7.62
CA SER E 74 0.85 1.59 6.74
C SER E 74 0.57 3.04 7.08
N GLN E 75 1.50 3.91 6.66
CA GLN E 75 1.41 5.33 6.94
C GLN E 75 0.55 6.07 5.92
N ASP E 76 -0.27 5.35 5.18
CA ASP E 76 -1.34 5.94 4.39
C ASP E 76 -2.66 5.98 5.15
N GLY E 77 -2.62 5.72 6.46
CA GLY E 77 -3.82 5.71 7.26
C GLY E 77 -4.63 4.45 7.17
N LYS E 78 -3.99 3.32 6.87
CA LYS E 78 -4.72 2.07 6.65
C LYS E 78 -4.15 0.94 7.48
N LEU E 79 -5.07 0.13 8.00
CA LEU E 79 -4.77 -1.07 8.77
C LEU E 79 -5.53 -2.21 8.11
N ILE E 80 -4.82 -3.14 7.49
CA ILE E 80 -5.43 -4.17 6.66
C ILE E 80 -5.28 -5.53 7.35
N ILE E 81 -6.38 -6.27 7.39
CA ILE E 81 -6.38 -7.65 7.87
C ILE E 81 -6.34 -8.57 6.65
N TRP E 82 -5.26 -9.33 6.52
CA TRP E 82 -5.06 -10.23 5.40
C TRP E 82 -5.32 -11.67 5.82
N ASP E 83 -5.98 -12.41 4.94
CA ASP E 83 -6.00 -13.87 4.99
C ASP E 83 -4.80 -14.34 4.17
N SER E 84 -3.74 -14.74 4.87
CA SER E 84 -2.47 -15.06 4.21
C SER E 84 -2.58 -16.29 3.31
N TYR E 85 -3.57 -17.15 3.55
CA TYR E 85 -3.69 -18.38 2.77
C TYR E 85 -4.11 -18.09 1.33
N THR E 86 -5.10 -17.22 1.15
CA THR E 86 -5.70 -16.97 -0.16
C THR E 86 -5.43 -15.57 -0.67
N THR E 87 -4.60 -14.78 0.01
CA THR E 87 -4.29 -13.40 -0.35
C THR E 87 -5.58 -12.59 -0.47
N ASN E 88 -6.40 -12.68 0.57
CA ASN E 88 -7.68 -11.99 0.61
C ASN E 88 -7.66 -10.92 1.69
N LYS E 89 -8.20 -9.76 1.35
CA LYS E 89 -8.34 -8.68 2.32
C LYS E 89 -9.65 -8.86 3.06
N VAL E 90 -9.57 -9.07 4.37
CA VAL E 90 -10.76 -9.28 5.18
C VAL E 90 -11.34 -7.95 5.66
N HIS E 91 -10.50 -7.04 6.14
CA HIS E 91 -10.92 -5.75 6.63
C HIS E 91 -9.89 -4.70 6.24
N ALA E 92 -10.37 -3.49 5.94
CA ALA E 92 -9.50 -2.33 5.70
C ALA E 92 -10.00 -1.21 6.61
N ILE E 93 -9.27 -0.96 7.70
CA ILE E 93 -9.68 -0.02 8.72
C ILE E 93 -8.97 1.31 8.47
N PRO E 94 -9.68 2.40 8.24
CA PRO E 94 -9.05 3.72 8.25
C PRO E 94 -8.68 4.12 9.68
N LEU E 95 -7.66 4.95 9.78
CA LEU E 95 -7.21 5.49 11.05
C LEU E 95 -7.40 7.01 11.04
N ARG E 96 -7.71 7.56 12.21
CA ARG E 96 -7.83 9.02 12.33
C ARG E 96 -6.49 9.69 12.09
N SER E 97 -5.41 9.10 12.60
CA SER E 97 -4.06 9.58 12.37
C SER E 97 -3.31 8.58 11.51
N SER E 98 -2.70 9.07 10.43
CA SER E 98 -1.97 8.22 9.50
C SER E 98 -0.57 7.87 9.98
N TRP E 99 -0.13 8.42 11.10
CA TRP E 99 1.23 8.19 11.60
C TRP E 99 1.18 7.05 12.59
N VAL E 100 1.32 5.83 12.08
CA VAL E 100 1.24 4.62 12.89
C VAL E 100 2.59 3.90 12.82
N MET E 101 3.13 3.57 13.99
CA MET E 101 4.40 2.88 14.10
C MET E 101 4.30 1.51 14.72
N THR E 102 3.10 1.10 15.17
CA THR E 102 2.94 -0.21 15.79
C THR E 102 1.51 -0.70 15.54
N CYS E 103 1.37 -2.03 15.50
CA CYS E 103 0.07 -2.66 15.43
C CYS E 103 0.15 -3.99 16.15
N ALA E 104 -0.99 -4.41 16.71
CA ALA E 104 -1.06 -5.65 17.47
C ALA E 104 -2.35 -6.39 17.11
N TYR E 105 -2.31 -7.70 17.30
CA TYR E 105 -3.47 -8.56 17.15
C TYR E 105 -3.78 -9.19 18.49
N ALA E 106 -5.03 -9.09 18.92
CA ALA E 106 -5.43 -9.72 20.17
C ALA E 106 -5.34 -11.23 20.03
N PRO E 107 -4.92 -11.93 21.08
CA PRO E 107 -4.88 -13.40 21.01
C PRO E 107 -6.24 -14.03 20.73
N SER E 108 -7.32 -13.42 21.21
CA SER E 108 -8.66 -13.92 20.90
C SER E 108 -9.06 -13.60 19.47
N GLY E 109 -8.44 -12.60 18.84
CA GLY E 109 -8.78 -12.23 17.48
C GLY E 109 -9.94 -11.27 17.34
N ASN E 110 -10.49 -10.78 18.45
CA ASN E 110 -11.63 -9.87 18.39
C ASN E 110 -11.23 -8.41 18.27
N TYR E 111 -9.99 -8.06 18.61
CA TYR E 111 -9.56 -6.67 18.65
C TYR E 111 -8.23 -6.50 17.94
N VAL E 112 -8.01 -5.30 17.42
CA VAL E 112 -6.71 -4.90 16.92
C VAL E 112 -6.34 -3.58 17.60
N ALA E 113 -5.05 -3.29 17.60
CA ALA E 113 -4.55 -2.07 18.22
C ALA E 113 -3.55 -1.40 17.28
N CYS E 114 -3.45 -0.08 17.40
CA CYS E 114 -2.44 0.66 16.67
C CYS E 114 -2.12 1.94 17.42
N GLY E 115 -1.03 2.59 17.03
CA GLY E 115 -0.62 3.82 17.65
C GLY E 115 0.61 4.37 16.98
N GLY E 116 0.93 5.62 17.32
CA GLY E 116 2.06 6.29 16.72
C GLY E 116 2.31 7.68 17.25
N LEU E 117 2.52 8.64 16.33
CA LEU E 117 2.89 9.99 16.70
C LEU E 117 1.76 10.77 17.36
N ASP E 118 0.55 10.24 17.37
CA ASP E 118 -0.57 10.88 18.07
C ASP E 118 -0.60 10.56 19.56
N ASN E 119 0.33 9.73 20.04
CA ASN E 119 0.47 9.36 21.45
C ASN E 119 -0.75 8.63 21.99
N ILE E 120 -1.56 8.02 21.13
CA ILE E 120 -2.81 7.38 21.52
C ILE E 120 -2.78 5.95 21.02
N CYS E 121 -3.17 5.00 21.89
CA CYS E 121 -3.34 3.62 21.48
C CYS E 121 -4.82 3.38 21.15
N SER E 122 -5.11 3.21 19.86
CA SER E 122 -6.48 3.00 19.42
C SER E 122 -6.75 1.50 19.30
N ILE E 123 -7.82 1.05 19.95
CA ILE E 123 -8.26 -0.34 19.93
C ILE E 123 -9.56 -0.41 19.15
N TYR E 124 -9.57 -1.25 18.11
CA TYR E 124 -10.70 -1.46 17.22
C TYR E 124 -11.30 -2.84 17.43
N ASN E 125 -12.63 -2.88 17.46
CA ASN E 125 -13.39 -4.13 17.63
C ASN E 125 -13.77 -4.67 16.26
N LEU E 126 -13.36 -5.91 15.98
CA LEU E 126 -13.58 -6.50 14.67
C LEU E 126 -14.88 -7.28 14.56
N LYS E 127 -15.43 -7.75 15.68
CA LYS E 127 -16.65 -8.54 15.69
C LYS E 127 -17.78 -7.67 16.25
N THR E 128 -18.44 -6.95 15.36
CA THR E 128 -19.58 -6.11 15.71
C THR E 128 -20.84 -6.64 15.05
N ARG E 129 -21.98 -6.25 15.61
CA ARG E 129 -23.27 -6.62 15.02
C ARG E 129 -23.42 -6.01 13.63
N GLU E 130 -23.04 -4.74 13.47
CA GLU E 130 -22.94 -4.16 12.14
C GLU E 130 -21.71 -4.72 11.43
N GLY E 131 -21.70 -4.59 10.11
CA GLY E 131 -20.64 -5.19 9.33
C GLY E 131 -19.32 -4.45 9.35
N ASN E 132 -19.27 -3.28 9.98
CA ASN E 132 -18.07 -2.47 9.99
C ASN E 132 -17.22 -2.75 11.22
N VAL E 133 -15.98 -2.30 11.18
CA VAL E 133 -15.06 -2.36 12.31
C VAL E 133 -15.00 -0.97 12.91
N ARG E 134 -15.52 -0.81 14.12
CA ARG E 134 -15.55 0.48 14.80
C ARG E 134 -14.47 0.53 15.87
N VAL E 135 -14.03 1.75 16.17
CA VAL E 135 -13.01 1.93 17.20
C VAL E 135 -13.64 1.68 18.56
N SER E 136 -13.03 0.78 19.32
CA SER E 136 -13.54 0.45 20.65
C SER E 136 -13.09 1.48 21.69
N ARG E 137 -11.82 1.84 21.69
CA ARG E 137 -11.35 2.83 22.65
C ARG E 137 -10.09 3.52 22.14
N GLU E 138 -9.78 4.64 22.77
CA GLU E 138 -8.57 5.41 22.48
C GLU E 138 -7.87 5.70 23.80
N LEU E 139 -6.87 4.89 24.14
CA LEU E 139 -6.11 5.07 25.36
C LEU E 139 -5.16 6.25 25.21
N ALA E 140 -5.25 7.21 26.12
CA ALA E 140 -4.44 8.42 26.12
C ALA E 140 -3.79 8.60 27.48
N GLY E 141 -2.65 9.27 27.48
CA GLY E 141 -1.90 9.47 28.71
C GLY E 141 -0.42 9.21 28.57
N HIS E 142 0.04 9.06 27.33
CA HIS E 142 1.46 8.94 27.02
C HIS E 142 1.93 10.25 26.42
N THR E 143 3.03 10.79 26.94
CA THR E 143 3.57 12.06 26.47
C THR E 143 4.50 11.88 25.28
N GLY E 144 4.80 10.64 24.88
CA GLY E 144 5.60 10.36 23.72
C GLY E 144 4.87 9.42 22.77
N TYR E 145 5.48 9.21 21.61
CA TYR E 145 4.84 8.42 20.57
C TYR E 145 4.79 6.95 20.95
N LEU E 146 3.74 6.28 20.49
CA LEU E 146 3.55 4.85 20.75
C LEU E 146 4.48 4.04 19.87
N SER E 147 5.53 3.47 20.46
CA SER E 147 6.48 2.68 19.70
C SER E 147 6.06 1.24 19.56
N CYS E 148 5.40 0.66 20.56
CA CYS E 148 4.98 -0.72 20.50
C CYS E 148 3.79 -0.93 21.41
N CYS E 149 3.04 -2.00 21.14
CA CYS E 149 1.91 -2.38 21.97
C CYS E 149 1.63 -3.85 21.77
N ARG E 150 1.38 -4.55 22.87
CA ARG E 150 1.04 -5.96 22.84
C ARG E 150 -0.12 -6.20 23.78
N PHE E 151 -0.91 -7.24 23.48
CA PHE E 151 -2.12 -7.55 24.23
C PHE E 151 -1.81 -8.58 25.31
N LEU E 152 -1.98 -8.18 26.57
CA LEU E 152 -1.99 -9.14 27.66
C LEU E 152 -3.17 -10.10 27.50
N ASP E 153 -4.36 -9.55 27.32
CA ASP E 153 -5.58 -10.31 27.07
C ASP E 153 -6.57 -9.36 26.39
N ASP E 154 -7.85 -9.75 26.37
CA ASP E 154 -8.85 -8.92 25.70
C ASP E 154 -9.10 -7.61 26.42
N ASN E 155 -8.78 -7.51 27.71
CA ASN E 155 -9.06 -6.32 28.49
C ASN E 155 -7.81 -5.60 28.98
N GLN E 156 -6.64 -6.21 28.86
CA GLN E 156 -5.40 -5.63 29.36
C GLN E 156 -4.42 -5.46 28.20
N ILE E 157 -3.78 -4.29 28.12
CA ILE E 157 -2.81 -4.01 27.08
C ILE E 157 -1.56 -3.43 27.72
N VAL E 158 -0.43 -3.56 27.02
CA VAL E 158 0.83 -2.99 27.48
C VAL E 158 1.45 -2.20 26.33
N THR E 159 1.85 -0.97 26.61
CA THR E 159 2.29 -0.02 25.59
C THR E 159 3.67 0.52 25.95
N SER E 160 4.52 0.64 24.94
CA SER E 160 5.82 1.29 25.07
C SER E 160 5.77 2.62 24.34
N SER E 161 6.34 3.65 24.96
CA SER E 161 6.24 4.99 24.42
C SER E 161 7.61 5.66 24.35
N GLY E 162 7.63 6.82 23.72
CA GLY E 162 8.80 7.65 23.56
C GLY E 162 9.12 8.58 24.70
N ASP E 163 8.34 8.56 25.78
CA ASP E 163 8.62 9.33 26.97
C ASP E 163 9.32 8.50 28.04
N THR E 164 10.13 7.53 27.61
CA THR E 164 10.96 6.69 28.49
C THR E 164 10.12 5.89 29.48
N THR E 165 8.88 5.55 29.12
CA THR E 165 8.00 4.84 30.03
C THR E 165 7.24 3.75 29.29
N CYS E 166 6.87 2.71 30.02
CA CYS E 166 5.92 1.70 29.57
C CYS E 166 4.67 1.79 30.43
N ALA E 167 3.58 1.23 29.93
CA ALA E 167 2.31 1.32 30.63
C ALA E 167 1.53 0.03 30.48
N LEU E 168 0.71 -0.27 31.48
CA LEU E 168 -0.24 -1.38 31.45
C LEU E 168 -1.63 -0.82 31.70
N TRP E 169 -2.49 -0.93 30.70
CA TRP E 169 -3.83 -0.35 30.68
C TRP E 169 -4.88 -1.41 30.84
N ASP E 170 -5.95 -1.06 31.55
CA ASP E 170 -7.20 -1.81 31.53
C ASP E 170 -8.06 -1.16 30.45
N ILE E 171 -8.42 -1.94 29.43
CA ILE E 171 -9.10 -1.38 28.27
C ILE E 171 -10.51 -0.92 28.63
N GLU E 172 -11.20 -1.66 29.51
CA GLU E 172 -12.59 -1.33 29.82
C GLU E 172 -12.71 0.06 30.45
N THR E 173 -11.81 0.41 31.36
CA THR E 173 -11.83 1.72 31.99
C THR E 173 -10.97 2.74 31.26
N GLY E 174 -10.06 2.29 30.39
CA GLY E 174 -9.21 3.20 29.66
C GLY E 174 -8.17 3.89 30.51
N GLN E 175 -7.77 3.27 31.62
CA GLN E 175 -6.87 3.88 32.58
C GLN E 175 -5.61 3.04 32.73
N GLN E 176 -4.51 3.70 33.11
CA GLN E 176 -3.24 3.04 33.31
C GLN E 176 -3.26 2.31 34.64
N THR E 177 -3.37 0.98 34.59
CA THR E 177 -3.23 0.19 35.81
C THR E 177 -1.83 0.32 36.39
N THR E 178 -0.81 0.29 35.53
CA THR E 178 0.56 0.33 36.01
C THR E 178 1.40 1.17 35.06
N THR E 179 2.44 1.80 35.59
CA THR E 179 3.40 2.56 34.80
C THR E 179 4.81 2.11 35.16
N PHE E 180 5.59 1.74 34.15
CA PHE E 180 6.95 1.23 34.31
C PHE E 180 7.92 2.33 33.92
N THR E 181 8.71 2.79 34.89
CA THR E 181 9.68 3.85 34.70
C THR E 181 11.08 3.35 35.07
N GLY E 182 12.09 4.01 34.50
CA GLY E 182 13.46 3.66 34.81
C GLY E 182 14.38 3.76 33.62
N HIS E 183 13.81 3.73 32.42
CA HIS E 183 14.61 3.83 31.20
C HIS E 183 15.07 5.27 31.01
N THR E 184 16.35 5.44 30.70
CA THR E 184 16.89 6.79 30.49
C THR E 184 16.42 7.36 29.16
N GLY E 185 16.38 6.53 28.11
CA GLY E 185 16.06 6.97 26.79
C GLY E 185 14.73 6.43 26.27
N ASP E 186 14.53 6.62 24.97
CA ASP E 186 13.29 6.29 24.30
C ASP E 186 13.11 4.77 24.20
N VAL E 187 12.00 4.27 24.71
CA VAL E 187 11.69 2.83 24.65
C VAL E 187 11.15 2.53 23.26
N MET E 188 11.79 1.57 22.56
CA MET E 188 11.48 1.33 21.17
C MET E 188 10.81 -0.01 20.89
N SER E 189 10.96 -1.00 21.77
CA SER E 189 10.41 -2.32 21.53
C SER E 189 9.83 -2.89 22.81
N LEU E 190 9.11 -4.00 22.65
CA LEU E 190 8.37 -4.60 23.75
C LEU E 190 8.03 -6.04 23.35
N SER E 191 8.47 -7.00 24.15
CA SER E 191 8.16 -8.41 23.92
C SER E 191 7.56 -9.01 25.17
N LEU E 192 6.53 -9.83 25.00
CA LEU E 192 5.82 -10.47 26.09
C LEU E 192 6.27 -11.91 26.26
N ALA E 193 6.41 -12.35 27.51
CA ALA E 193 6.83 -13.71 27.80
C ALA E 193 5.73 -14.69 27.40
N PRO E 194 6.10 -15.95 27.11
CA PRO E 194 5.06 -16.96 26.81
C PRO E 194 4.05 -17.15 27.93
N ASP E 195 4.49 -17.10 29.19
CA ASP E 195 3.53 -17.14 30.30
C ASP E 195 2.85 -15.80 30.52
N THR E 196 3.35 -14.75 29.88
CA THR E 196 2.71 -13.43 29.82
C THR E 196 2.57 -12.82 31.22
N ARG E 197 3.62 -13.01 32.03
CA ARG E 197 3.72 -12.38 33.34
C ARG E 197 4.89 -11.40 33.44
N LEU E 198 5.88 -11.53 32.56
CA LEU E 198 7.05 -10.67 32.52
C LEU E 198 7.19 -10.13 31.11
N PHE E 199 7.83 -8.96 30.98
CA PHE E 199 8.09 -8.46 29.63
C PHE E 199 9.38 -7.64 29.60
N VAL E 200 10.11 -7.78 28.50
CA VAL E 200 11.36 -7.04 28.30
C VAL E 200 11.10 -5.87 27.38
N SER E 201 11.77 -4.75 27.66
CA SER E 201 11.68 -3.56 26.84
C SER E 201 13.08 -3.05 26.55
N GLY E 202 13.37 -2.80 25.27
CA GLY E 202 14.65 -2.25 24.86
C GLY E 202 14.49 -0.77 24.55
N ALA E 203 15.49 0.02 24.94
CA ALA E 203 15.39 1.46 24.84
C ALA E 203 16.60 2.02 24.12
N CYS E 204 16.65 3.35 24.02
CA CYS E 204 17.70 4.06 23.31
C CYS E 204 18.92 4.33 24.16
N ASP E 205 18.88 3.99 25.45
CA ASP E 205 20.06 4.10 26.30
C ASP E 205 20.91 2.85 26.28
N ALA E 206 20.83 2.07 25.20
CA ALA E 206 21.56 0.80 25.04
C ALA E 206 21.26 -0.15 26.19
N SER E 207 20.00 -0.21 26.60
CA SER E 207 19.59 -0.99 27.75
C SER E 207 18.29 -1.72 27.47
N ALA E 208 18.24 -2.97 27.90
CA ALA E 208 17.03 -3.77 27.89
C ALA E 208 16.69 -4.12 29.33
N LYS E 209 15.44 -3.84 29.72
CA LYS E 209 15.00 -4.05 31.09
C LYS E 209 13.85 -5.04 31.12
N LEU E 210 13.91 -5.96 32.08
CA LEU E 210 12.87 -6.97 32.28
C LEU E 210 11.99 -6.56 33.45
N TRP E 211 10.68 -6.49 33.20
CA TRP E 211 9.71 -6.02 34.17
C TRP E 211 8.74 -7.13 34.54
N ASP E 212 8.28 -7.10 35.80
CA ASP E 212 7.19 -7.93 36.27
C ASP E 212 5.89 -7.14 36.17
N VAL E 213 4.92 -7.69 35.44
CA VAL E 213 3.69 -6.95 35.13
C VAL E 213 2.84 -6.77 36.38
N ARG E 214 2.69 -7.84 37.17
CA ARG E 214 1.80 -7.78 38.33
C ARG E 214 2.33 -6.83 39.40
N GLU E 215 3.62 -6.91 39.71
CA GLU E 215 4.18 -6.06 40.76
C GLU E 215 4.48 -4.66 40.25
N GLY E 216 5.23 -4.56 39.17
CA GLY E 216 5.47 -3.29 38.52
C GLY E 216 6.84 -2.70 38.70
N MET E 217 7.87 -3.51 38.92
CA MET E 217 9.23 -3.03 39.07
C MET E 217 10.16 -3.78 38.14
N CYS E 218 11.28 -3.16 37.81
CA CYS E 218 12.28 -3.77 36.96
C CYS E 218 13.01 -4.87 37.72
N ARG E 219 13.10 -6.05 37.11
CA ARG E 219 13.75 -7.19 37.76
C ARG E 219 15.25 -7.20 37.51
N GLN E 220 15.67 -7.00 36.26
CA GLN E 220 17.09 -6.91 35.94
C GLN E 220 17.27 -6.03 34.72
N THR E 221 18.48 -5.50 34.58
CA THR E 221 18.85 -4.60 33.49
C THR E 221 20.04 -5.17 32.74
N PHE E 222 19.93 -5.19 31.41
CA PHE E 222 20.97 -5.72 30.54
C PHE E 222 21.55 -4.59 29.70
N THR E 223 22.87 -4.46 29.71
CA THR E 223 23.56 -3.37 28.99
C THR E 223 24.78 -3.96 28.29
N GLY E 224 24.62 -4.31 27.03
CA GLY E 224 25.75 -4.76 26.23
C GLY E 224 25.90 -4.01 24.92
N HIS E 225 24.82 -3.37 24.48
CA HIS E 225 24.82 -2.72 23.18
C HIS E 225 25.51 -1.36 23.24
N GLU E 226 25.84 -0.84 22.06
CA GLU E 226 26.52 0.45 21.94
C GLU E 226 25.67 1.48 21.22
N SER E 227 24.41 1.17 20.93
CA SER E 227 23.52 2.11 20.27
C SER E 227 22.11 1.83 20.76
N ASP E 228 21.13 2.39 20.06
CA ASP E 228 19.73 2.27 20.48
C ASP E 228 19.16 0.94 19.99
N ILE E 229 18.51 0.22 20.90
CA ILE E 229 17.90 -1.06 20.59
C ILE E 229 16.57 -0.81 19.91
N ASN E 230 16.41 -1.32 18.68
CA ASN E 230 15.20 -1.13 17.91
C ASN E 230 14.29 -2.36 17.92
N ALA E 231 14.81 -3.53 18.25
CA ALA E 231 14.03 -4.76 18.21
C ALA E 231 14.31 -5.58 19.45
N ILE E 232 13.27 -6.29 19.90
CA ILE E 232 13.38 -7.22 21.01
C ILE E 232 12.40 -8.36 20.76
N CYS E 233 12.77 -9.54 21.22
CA CYS E 233 11.91 -10.71 21.11
C CYS E 233 12.35 -11.74 22.13
N PHE E 234 11.43 -12.64 22.49
CA PHE E 234 11.66 -13.62 23.52
C PHE E 234 11.98 -14.98 22.91
N PHE E 235 12.87 -15.72 23.57
CA PHE E 235 13.06 -17.12 23.27
C PHE E 235 11.78 -17.89 23.59
N PRO E 236 11.50 -18.98 22.86
CA PRO E 236 10.28 -19.75 23.14
C PRO E 236 10.20 -20.32 24.55
N ASN E 237 11.31 -20.52 25.24
CA ASN E 237 11.26 -21.07 26.58
C ASN E 237 11.10 -20.00 27.66
N GLY E 238 11.18 -18.73 27.30
CA GLY E 238 10.95 -17.66 28.25
C GLY E 238 12.09 -17.37 29.20
N ASN E 239 13.26 -17.96 28.99
CA ASN E 239 14.42 -17.76 29.85
C ASN E 239 15.54 -17.00 29.16
N ALA E 240 15.30 -16.49 27.95
CA ALA E 240 16.31 -15.76 27.20
C ALA E 240 15.60 -14.83 26.24
N PHE E 241 16.34 -13.87 25.70
CA PHE E 241 15.77 -12.97 24.71
C PHE E 241 16.88 -12.43 23.80
N ALA E 242 16.45 -11.83 22.70
CA ALA E 242 17.36 -11.33 21.68
C ALA E 242 17.03 -9.89 21.34
N THR E 243 18.07 -9.08 21.18
CA THR E 243 17.93 -7.65 20.90
C THR E 243 18.73 -7.27 19.68
N GLY E 244 18.16 -6.42 18.84
CA GLY E 244 18.86 -5.84 17.71
C GLY E 244 18.95 -4.34 17.87
N SER E 245 20.08 -3.76 17.46
CA SER E 245 20.32 -2.34 17.62
C SER E 245 20.92 -1.78 16.34
N ASP E 246 21.21 -0.48 16.36
CA ASP E 246 21.81 0.19 15.22
C ASP E 246 23.32 0.03 15.14
N ASP E 247 23.93 -0.67 16.08
CA ASP E 247 25.34 -1.02 15.96
C ASP E 247 25.58 -2.26 15.12
N ALA E 248 24.57 -2.67 14.35
CA ALA E 248 24.61 -3.80 13.43
C ALA E 248 24.85 -5.13 14.12
N THR E 249 24.52 -5.25 15.40
CA THR E 249 24.74 -6.47 16.15
C THR E 249 23.45 -6.93 16.82
N CYS E 250 23.13 -8.20 16.67
CA CYS E 250 22.14 -8.86 17.50
C CYS E 250 22.84 -9.40 18.74
N ARG E 251 22.10 -9.50 19.84
CA ARG E 251 22.67 -10.02 21.07
C ARG E 251 21.63 -10.88 21.78
N LEU E 252 22.03 -12.09 22.14
CA LEU E 252 21.19 -13.00 22.88
C LEU E 252 21.62 -12.96 24.34
N PHE E 253 20.72 -12.47 25.20
CA PHE E 253 20.89 -12.40 26.65
C PHE E 253 20.08 -13.51 27.32
N ASP E 254 20.53 -13.89 28.52
CA ASP E 254 19.86 -14.86 29.36
C ASP E 254 19.39 -14.19 30.63
N LEU E 255 18.21 -14.59 31.12
CA LEU E 255 17.61 -13.95 32.28
C LEU E 255 18.16 -14.49 33.58
N ARG E 256 18.14 -15.82 33.75
CA ARG E 256 18.56 -16.43 35.01
C ARG E 256 20.07 -16.38 35.21
N ALA E 257 20.84 -16.09 34.17
CA ALA E 257 22.27 -15.86 34.33
C ALA E 257 22.65 -14.39 34.33
N ASP E 258 21.76 -13.51 33.86
CA ASP E 258 21.94 -12.07 33.90
C ASP E 258 23.22 -11.63 33.18
N GLN E 259 23.46 -12.21 32.00
CA GLN E 259 24.62 -11.87 31.19
C GLN E 259 24.17 -11.74 29.74
N GLU E 260 25.13 -11.60 28.85
CA GLU E 260 24.92 -11.80 27.42
C GLU E 260 25.49 -13.16 27.02
N LEU E 261 24.76 -13.87 26.18
CA LEU E 261 25.16 -15.21 25.77
C LEU E 261 25.81 -15.24 24.41
N MET E 262 25.27 -14.49 23.44
CA MET E 262 25.84 -14.50 22.10
C MET E 262 25.75 -13.12 21.47
N THR E 263 26.66 -12.88 20.52
CA THR E 263 26.60 -11.71 19.65
C THR E 263 26.61 -12.18 18.20
N TYR E 264 25.64 -11.69 17.44
CA TYR E 264 25.49 -11.99 16.02
C TYR E 264 25.85 -10.74 15.25
N SER E 265 27.07 -10.72 14.70
CA SER E 265 27.56 -9.57 13.97
C SER E 265 28.46 -10.05 12.84
N HIS E 266 28.55 -9.23 11.79
CA HIS E 266 29.39 -9.51 10.65
C HIS E 266 30.10 -8.24 10.21
N ASP E 267 31.29 -8.40 9.65
CA ASP E 267 32.04 -7.24 9.16
C ASP E 267 31.47 -6.69 7.86
N ASN E 268 30.66 -7.48 7.16
CA ASN E 268 30.03 -7.04 5.92
C ASN E 268 28.71 -6.33 6.14
N ILE E 269 28.26 -6.20 7.39
CA ILE E 269 26.99 -5.54 7.72
C ILE E 269 27.32 -4.28 8.51
N ILE E 270 26.93 -3.12 7.96
CA ILE E 270 27.12 -1.84 8.61
C ILE E 270 25.80 -1.14 8.89
N CYS E 271 24.68 -1.79 8.58
CA CYS E 271 23.35 -1.24 8.78
C CYS E 271 22.72 -1.81 10.05
N GLY E 272 21.74 -1.09 10.56
CA GLY E 272 21.10 -1.47 11.80
C GLY E 272 20.20 -2.68 11.63
N ILE E 273 19.50 -2.99 12.72
CA ILE E 273 18.51 -4.07 12.74
C ILE E 273 17.18 -3.45 13.16
N THR E 274 16.17 -3.60 12.29
CA THR E 274 14.86 -3.02 12.52
C THR E 274 13.95 -3.95 13.30
N SER E 275 13.99 -5.25 13.03
CA SER E 275 13.11 -6.20 13.68
C SER E 275 13.80 -7.55 13.78
N VAL E 276 13.56 -8.25 14.88
CA VAL E 276 14.10 -9.59 15.10
C VAL E 276 12.95 -10.51 15.48
N SER E 277 13.14 -11.80 15.21
CA SER E 277 12.17 -12.82 15.60
C SER E 277 12.85 -14.18 15.59
N PHE E 278 12.41 -15.05 16.50
CA PHE E 278 12.94 -16.39 16.61
C PHE E 278 12.10 -17.36 15.77
N SER E 279 12.44 -18.64 15.84
CA SER E 279 11.63 -19.70 15.27
C SER E 279 10.83 -20.37 16.38
N LYS E 280 10.12 -21.45 16.03
CA LYS E 280 9.32 -22.14 17.04
C LYS E 280 10.21 -22.87 18.04
N SER E 281 11.27 -23.52 17.56
CA SER E 281 12.21 -24.21 18.43
C SER E 281 13.33 -23.31 18.93
N GLY E 282 13.43 -22.09 18.42
CA GLY E 282 14.50 -21.19 18.82
C GLY E 282 15.83 -21.45 18.16
N ARG E 283 15.90 -22.36 17.19
CA ARG E 283 17.16 -22.64 16.52
C ARG E 283 17.55 -21.54 15.55
N LEU E 284 16.58 -20.85 14.97
CA LEU E 284 16.81 -19.83 13.97
C LEU E 284 16.43 -18.46 14.52
N LEU E 285 17.26 -17.47 14.24
CA LEU E 285 16.98 -16.08 14.59
C LEU E 285 16.94 -15.26 13.31
N LEU E 286 15.78 -14.70 13.01
CA LEU E 286 15.59 -13.93 11.78
C LEU E 286 15.64 -12.45 12.12
N ALA E 287 16.53 -11.72 11.45
CA ALA E 287 16.75 -10.31 11.74
C ALA E 287 16.59 -9.50 10.45
N GLY E 288 15.72 -8.50 10.50
CA GLY E 288 15.53 -7.62 9.37
C GLY E 288 16.45 -6.42 9.47
N TYR E 289 17.09 -6.08 8.37
CA TYR E 289 18.09 -5.03 8.32
C TYR E 289 17.61 -3.90 7.42
N ASP E 290 18.39 -2.82 7.38
CA ASP E 290 18.09 -1.68 6.53
C ASP E 290 18.72 -1.79 5.15
N ASP E 291 19.51 -2.83 4.89
CA ASP E 291 20.07 -3.06 3.57
C ASP E 291 19.14 -3.87 2.68
N PHE E 292 17.84 -3.83 2.97
CA PHE E 292 16.72 -4.28 2.14
C PHE E 292 16.50 -5.79 2.20
N ASN E 293 17.16 -6.51 3.12
CA ASN E 293 16.98 -7.95 3.17
C ASN E 293 17.19 -8.43 4.59
N CYS E 294 16.65 -9.62 4.88
CA CYS E 294 16.73 -10.23 6.19
C CYS E 294 17.82 -11.29 6.22
N ASN E 295 18.36 -11.53 7.41
CA ASN E 295 19.37 -12.54 7.61
C ASN E 295 18.90 -13.54 8.65
N VAL E 296 19.11 -14.82 8.36
CA VAL E 296 18.71 -15.91 9.24
C VAL E 296 19.98 -16.50 9.86
N TRP E 297 20.09 -16.37 11.17
CA TRP E 297 21.25 -16.80 11.94
C TRP E 297 20.94 -18.08 12.69
N ASP E 298 21.96 -18.89 12.88
CA ASP E 298 21.88 -20.03 13.78
C ASP E 298 22.06 -19.53 15.20
N ALA E 299 21.02 -19.66 16.02
CA ALA E 299 21.01 -19.04 17.35
C ALA E 299 22.04 -19.64 18.29
N LEU E 300 22.48 -20.87 18.04
CA LEU E 300 23.48 -21.50 18.89
C LEU E 300 24.87 -21.52 18.29
N LYS E 301 25.03 -21.19 17.01
CA LYS E 301 26.32 -21.23 16.35
C LYS E 301 26.80 -19.88 15.83
N ALA E 302 25.95 -18.84 15.87
CA ALA E 302 26.32 -17.48 15.48
C ALA E 302 26.84 -17.42 14.05
N ASP E 303 26.23 -18.21 13.17
CA ASP E 303 26.58 -18.24 11.76
C ASP E 303 25.38 -17.79 10.93
N ARG E 304 25.65 -17.03 9.88
CA ARG E 304 24.59 -16.62 8.97
C ARG E 304 24.14 -17.80 8.13
N ALA E 305 23.11 -18.50 8.59
CA ALA E 305 22.64 -19.69 7.89
C ALA E 305 21.90 -19.37 6.62
N GLY E 306 21.36 -18.17 6.47
CA GLY E 306 20.62 -17.88 5.25
C GLY E 306 20.35 -16.39 5.09
N VAL E 307 19.86 -16.05 3.90
CA VAL E 307 19.52 -14.69 3.55
C VAL E 307 18.16 -14.69 2.87
N LEU E 308 17.25 -13.83 3.34
CA LEU E 308 15.94 -13.62 2.75
C LEU E 308 15.99 -12.28 2.01
N ALA E 309 16.33 -12.33 0.73
CA ALA E 309 16.37 -11.15 -0.11
C ALA E 309 15.16 -11.13 -1.02
N GLY E 310 14.83 -9.94 -1.51
CA GLY E 310 13.66 -9.78 -2.36
C GLY E 310 12.75 -8.64 -1.95
N HIS E 311 13.25 -7.71 -1.16
CA HIS E 311 12.54 -6.50 -0.80
C HIS E 311 13.28 -5.31 -1.37
N ASP E 312 12.55 -4.39 -1.98
CA ASP E 312 13.15 -3.23 -2.64
C ASP E 312 13.41 -2.07 -1.69
N ASN E 313 13.04 -2.20 -0.41
CA ASN E 313 13.31 -1.16 0.56
C ASN E 313 13.56 -1.81 1.92
N ARG E 314 13.75 -0.98 2.93
CA ARG E 314 14.18 -1.44 4.24
C ARG E 314 13.12 -2.29 4.91
N VAL E 315 13.51 -3.48 5.37
CA VAL E 315 12.59 -4.38 6.05
C VAL E 315 12.25 -3.78 7.41
N SER E 316 11.02 -3.30 7.55
CA SER E 316 10.62 -2.64 8.79
C SER E 316 10.15 -3.66 9.83
N CYS E 317 9.45 -4.70 9.41
CA CYS E 317 8.89 -5.66 10.34
C CYS E 317 9.01 -7.07 9.77
N LEU E 318 9.13 -8.04 10.67
CA LEU E 318 8.99 -9.43 10.27
C LEU E 318 8.44 -10.22 11.46
N GLY E 319 7.61 -11.22 11.13
CA GLY E 319 7.01 -12.05 12.14
C GLY E 319 6.98 -13.49 11.71
N VAL E 320 6.90 -14.37 12.69
CA VAL E 320 6.82 -15.81 12.48
C VAL E 320 5.53 -16.32 13.08
N THR E 321 4.83 -17.18 12.36
CA THR E 321 3.56 -17.71 12.81
C THR E 321 3.73 -18.56 14.07
N ASP E 322 2.61 -18.79 14.75
CA ASP E 322 2.63 -19.56 15.99
C ASP E 322 3.09 -20.99 15.74
N ASP E 323 2.65 -21.59 14.64
CA ASP E 323 3.07 -22.93 14.27
C ASP E 323 4.39 -22.96 13.53
N GLY E 324 4.98 -21.81 13.23
CA GLY E 324 6.28 -21.78 12.58
C GLY E 324 6.27 -22.15 11.13
N MET E 325 5.12 -22.04 10.46
CA MET E 325 5.02 -22.47 9.07
C MET E 325 5.62 -21.46 8.11
N ALA E 326 5.49 -20.16 8.40
CA ALA E 326 5.90 -19.15 7.43
C ALA E 326 6.42 -17.92 8.16
N VAL E 327 7.15 -17.09 7.42
CA VAL E 327 7.68 -15.83 7.93
C VAL E 327 7.15 -14.71 7.05
N ALA E 328 6.54 -13.70 7.67
CA ALA E 328 5.96 -12.59 6.95
C ALA E 328 6.81 -11.35 7.17
N THR E 329 7.28 -10.76 6.07
CA THR E 329 8.13 -9.57 6.11
C THR E 329 7.39 -8.41 5.47
N GLY E 330 7.39 -7.27 6.16
CA GLY E 330 6.85 -6.05 5.62
C GLY E 330 7.91 -4.96 5.59
N SER E 331 8.23 -4.49 4.40
CA SER E 331 9.25 -3.49 4.20
C SER E 331 8.63 -2.18 3.74
N TRP E 332 9.48 -1.21 3.43
CA TRP E 332 9.04 0.13 3.06
C TRP E 332 8.63 0.22 1.60
N ASP E 333 8.72 -0.86 0.83
CA ASP E 333 8.29 -0.88 -0.56
C ASP E 333 6.81 -1.16 -0.70
N SER E 334 6.04 -1.00 0.37
CA SER E 334 4.58 -1.16 0.38
C SER E 334 4.14 -2.57 -0.01
N PHE E 335 4.94 -3.59 0.31
CA PHE E 335 4.62 -4.97 0.02
C PHE E 335 4.92 -5.84 1.23
N LEU E 336 4.09 -6.88 1.41
CA LEU E 336 4.36 -7.92 2.39
C LEU E 336 4.66 -9.20 1.64
N LYS E 337 5.64 -9.95 2.14
CA LYS E 337 6.08 -11.19 1.51
C LYS E 337 6.04 -12.30 2.54
N ILE E 338 5.45 -13.43 2.17
CA ILE E 338 5.34 -14.59 3.03
C ILE E 338 6.29 -15.65 2.50
N TRP E 339 7.18 -16.12 3.36
CA TRP E 339 8.30 -16.96 2.99
C TRP E 339 8.18 -18.31 3.66
N ASN E 340 8.51 -19.36 2.91
CA ASN E 340 8.48 -20.71 3.44
C ASN E 340 9.71 -21.50 3.00
C21 A1AWC F . 2.21 7.37 -50.67
C12 A1AWC F . 1.59 6.55 -46.97
C13 A1AWC F . 2.37 6.56 -45.68
C14 A1AWC F . 2.43 8.73 -47.92
C15 A1AWC F . 3.40 9.39 -47.19
C16 A1AWC F . 3.30 10.78 -47.15
C17 A1AWC F . 2.27 11.45 -47.81
C18 A1AWC F . 1.31 10.75 -48.54
C19 A1AWC F . 1.43 9.36 -48.59
C1 A1AWC F . 5.87 5.23 -38.41
N1 A1AWC F . 6.94 5.65 -37.77
C2 A1AWC F . 7.25 4.28 -40.21
C3 A1AWC F . 7.55 5.07 -41.47
C4 A1AWC F . 6.52 4.89 -42.55
C5 A1AWC F . 6.86 5.64 -43.80
C6 A1AWC F . 5.89 5.45 -44.93
C7 A1AWC F . 4.52 6.03 -44.66
C10 A1AWC F . 3.74 6.69 -48.26
C11 A1AWC F . 2.33 7.26 -48.13
C20 A1AWC F . 1.43 7.27 -49.39
C8 A1AWC F . 4.43 7.02 -46.90
C9 A1AWC F . 4.47 8.53 -46.55
N2 A1AWC F . 5.98 4.65 -39.60
N3 A1AWC F . 3.76 6.16 -45.90
N4 A1AWC F . 1.47 7.46 -51.78
N5 A1AWC F . 4.68 5.37 -37.86
O1 A1AWC F . 3.68 5.28 -48.47
O2 A1AWC F . 0.28 11.37 -49.21
C22 A1AWC F . 2.07 7.57 -52.99
C23 A1AWC F . 1.28 7.66 -54.16
C24 A1AWC F . 1.87 7.75 -55.39
C25 A1AWC F . 3.27 7.77 -55.51
C26 A1AWC F . 4.06 7.68 -54.40
C27 A1AWC F . 3.47 7.58 -53.12
C28 A1AWC F . 4.24 7.48 -51.95
C29 A1AWC F . 3.62 7.38 -50.72
C30 A1AWC F . 4.47 7.28 -49.48
O3 A1AWC F . 0.61 8.47 -49.23
#